data_9DNM
#
_entry.id   9DNM
#
_cell.length_a   1.00
_cell.length_b   1.00
_cell.length_c   1.00
_cell.angle_alpha   90.00
_cell.angle_beta   90.00
_cell.angle_gamma   90.00
#
_symmetry.space_group_name_H-M   'P 1'
#
loop_
_entity.id
_entity.type
_entity.pdbx_description
1 polymer 'anti-BRIL Fab Heavy chain'
2 polymer 'anti-BRIL Fab Light chain'
3 polymer 'Beta-arrestin-1,Soluble cytochrome b562'
4 non-polymer (1beta,6beta,7beta,8alpha,9beta,10alpha,13alpha,14R,16beta)-1,6,7,14-tetrahydroxy-7,20-epoxykauran-15-one
#
loop_
_entity_poly.entity_id
_entity_poly.type
_entity_poly.pdbx_seq_one_letter_code
_entity_poly.pdbx_strand_id
1 'polypeptide(L)'
;EVQLVESGGGLVQPGGSLRLSCAASGFNVVDFSLHWVRQAPGKGLEWVAYISSSSGSTSYADSVKGRFTISADTSKNTAY
LQMNSLRAEDTAVYYCARWGYWPGEPWWKAFDYWGQGTLVTVSSASTKGPSVFPLAPSSKSTSGGTAALGCLVKDYFPEP
VTVSWNSGALTSGVHTFPAVLQSSGLYSLSSVVTVPSSSLGTQTYICNVNHKPSNTKVDKKVEPK
;
H
2 'polypeptide(L)'
;DIQMTQSPSSLSASVGDRVTITCRASQSVSSAVAWYQQKPGKAPKLLIYSASSLYSGVPSRFSGSRSGTDFTLTISSLQP
EDFATYYCQQYLYYSLVTFGQGTKVEIKRTVAAPSVFIFPPSDSQLKSGTASVVCLLNNFYPREAKVQWKVDNALQSGNS
QESVTEQDSKDSTYSLSSTLTLSKADYEKHKVYACEVTHQGLSSPVTKSFNR
;
L
3 'polypeptide(L)'
;LGDKGTRVFKKASPNGKLTVYLGKRDFVDHIDLVDPVDGVVLVDPEYLKERRVYVTLTCAFRYGREDLDVLGLTFRKDLF
VANVQSFPPAPEDKKPLTRLQERLIKKLGEHAYPFTFEIPPNLPCSVTLQPGPEDTGKACGVDYEVKAFCAENLEEKIHK
RNSVRLVIRKVQYAPEADLEDNWETLNDNLKVIEKADNAAQVKDALTKMRAAALDAQKATPPKLEDKSPDSPEMKDFRHG
FDILVGQIDDALKLANEGKVKEAQAAAEQLKTTRNAYIQKYLPTAETTRQFLMSDKPLHLEASLDKEIYYHGEPISVNVH
VTNNTNKTVKKIKISVRQYADICLFNTAQYKCPVAMEEADDTVAPSSTFCKVYTLTPFLANNREKRGLALDGKLKHEDTN
LASSTLLREGANREILGIIVSYKVKVKLVVSRGDYKDDDDKSDVAVELPFTLMHPKPKEEPPHREVPESETPVDTNLIEL
DTNDDDIVFEDFAR
;
A
#
loop_
_chem_comp.id
_chem_comp.type
_chem_comp.name
_chem_comp.formula
ODN non-polymer (1beta,6beta,7beta,8alpha,9beta,10alpha,13alpha,14R,16beta)-1,6,7,14-tetrahydroxy-7,20-epoxykauran-15-one 'C20 H30 O6'
#
# COMPACT_ATOMS: atom_id res chain seq x y z
N GLU A 1 24.95 -14.56 -33.49
CA GLU A 1 24.23 -13.78 -32.50
C GLU A 1 24.11 -14.54 -31.19
N VAL A 2 23.26 -14.03 -30.29
CA VAL A 2 23.05 -14.68 -29.00
C VAL A 2 22.30 -15.99 -29.21
N GLN A 3 22.84 -17.06 -28.61
CA GLN A 3 22.27 -18.39 -28.77
C GLN A 3 22.87 -19.30 -27.72
N LEU A 4 22.10 -20.32 -27.33
CA LEU A 4 22.50 -21.30 -26.34
C LEU A 4 22.47 -22.68 -26.96
N VAL A 5 23.50 -23.49 -26.71
CA VAL A 5 23.59 -24.84 -27.24
C VAL A 5 24.05 -25.78 -26.13
N GLU A 6 23.41 -26.94 -26.04
CA GLU A 6 23.70 -27.94 -25.01
C GLU A 6 23.85 -29.31 -25.65
N SER A 7 24.48 -30.22 -24.91
CA SER A 7 24.72 -31.57 -25.41
C SER A 7 24.87 -32.51 -24.23
N GLY A 8 24.93 -33.80 -24.55
CA GLY A 8 25.17 -34.84 -23.55
C GLY A 8 24.00 -35.78 -23.33
N GLY A 9 22.83 -35.50 -23.91
CA GLY A 9 21.68 -36.33 -23.69
C GLY A 9 21.85 -37.77 -24.13
N GLY A 10 21.45 -38.71 -23.29
CA GLY A 10 21.56 -40.11 -23.64
C GLY A 10 20.77 -40.96 -22.67
N LEU A 11 20.82 -42.27 -22.92
CA LEU A 11 20.15 -43.27 -22.10
C LEU A 11 21.14 -43.83 -21.10
N VAL A 12 20.76 -43.85 -19.83
CA VAL A 12 21.64 -44.28 -18.75
C VAL A 12 20.86 -45.17 -17.79
N GLN A 13 21.55 -46.19 -17.27
CA GLN A 13 20.93 -47.08 -16.30
C GLN A 13 20.70 -46.34 -14.98
N PRO A 14 19.68 -46.74 -14.21
CA PRO A 14 19.48 -46.12 -12.90
C PRO A 14 20.68 -46.34 -12.00
N GLY A 15 21.01 -45.32 -11.22
CA GLY A 15 22.27 -45.32 -10.50
C GLY A 15 23.47 -44.92 -11.34
N GLY A 16 23.27 -44.64 -12.63
CA GLY A 16 24.34 -44.21 -13.48
C GLY A 16 24.58 -42.71 -13.40
N SER A 17 25.60 -42.27 -14.12
CA SER A 17 26.01 -40.88 -14.12
C SER A 17 26.15 -40.39 -15.56
N LEU A 18 25.88 -39.10 -15.74
CA LEU A 18 25.95 -38.49 -17.05
C LEU A 18 26.24 -37.01 -16.88
N ARG A 19 26.96 -36.43 -17.84
CA ARG A 19 27.33 -35.03 -17.81
C ARG A 19 26.61 -34.27 -18.91
N LEU A 20 26.09 -33.09 -18.56
CA LEU A 20 25.42 -32.21 -19.49
C LEU A 20 26.14 -30.88 -19.52
N SER A 21 26.29 -30.30 -20.71
CA SER A 21 26.99 -29.04 -20.89
C SER A 21 26.04 -28.00 -21.44
N CYS A 22 26.29 -26.74 -21.11
CA CYS A 22 25.52 -25.62 -21.63
C CYS A 22 26.50 -24.62 -22.24
N ALA A 23 26.83 -24.84 -23.51
CA ALA A 23 27.74 -23.95 -24.22
C ALA A 23 26.99 -22.70 -24.67
N ALA A 24 27.60 -21.54 -24.43
CA ALA A 24 27.00 -20.27 -24.79
C ALA A 24 27.88 -19.58 -25.83
N SER A 25 27.23 -18.99 -26.83
CA SER A 25 27.92 -18.24 -27.86
C SER A 25 27.27 -16.87 -27.99
N GLY A 26 28.07 -15.89 -28.36
CA GLY A 26 27.59 -14.54 -28.51
C GLY A 26 27.55 -13.72 -27.25
N PHE A 27 27.87 -14.31 -26.10
CA PHE A 27 27.90 -13.56 -24.85
C PHE A 27 28.76 -14.31 -23.84
N ASN A 28 29.52 -13.55 -23.06
CA ASN A 28 30.33 -14.15 -22.02
C ASN A 28 29.45 -14.66 -20.88
N VAL A 29 29.80 -15.82 -20.34
CA VAL A 29 28.98 -16.44 -19.30
C VAL A 29 29.07 -15.63 -18.01
N VAL A 30 30.25 -15.09 -17.69
CA VAL A 30 30.47 -14.41 -16.42
C VAL A 30 29.57 -13.21 -16.21
N ASP A 31 28.93 -12.71 -17.27
CA ASP A 31 28.01 -11.59 -17.15
C ASP A 31 26.57 -12.04 -16.97
N PHE A 32 26.31 -13.34 -16.83
CA PHE A 32 24.95 -13.82 -16.70
C PHE A 32 24.93 -15.06 -15.82
N SER A 33 23.75 -15.38 -15.31
CA SER A 33 23.52 -16.56 -14.50
C SER A 33 22.74 -17.58 -15.31
N LEU A 34 23.18 -18.83 -15.25
CA LEU A 34 22.62 -19.90 -16.06
C LEU A 34 21.85 -20.88 -15.20
N HIS A 35 20.69 -21.30 -15.69
CA HIS A 35 19.78 -22.17 -14.94
C HIS A 35 19.48 -23.39 -15.78
N TRP A 36 18.89 -24.39 -15.13
CA TRP A 36 18.49 -25.63 -15.80
C TRP A 36 17.01 -25.86 -15.57
N VAL A 37 16.26 -26.01 -16.66
CA VAL A 37 14.82 -26.22 -16.61
C VAL A 37 14.50 -27.54 -17.28
N ARG A 38 13.76 -28.40 -16.58
CA ARG A 38 13.47 -29.76 -17.01
C ARG A 38 11.98 -29.89 -17.26
N GLN A 39 11.61 -30.54 -18.37
CA GLN A 39 10.21 -30.71 -18.74
C GLN A 39 9.94 -32.19 -18.97
N ALA A 40 9.13 -32.78 -18.10
CA ALA A 40 8.73 -34.16 -18.28
C ALA A 40 7.84 -34.29 -19.51
N PRO A 41 7.82 -35.47 -20.14
CA PRO A 41 6.95 -35.65 -21.31
C PRO A 41 5.48 -35.70 -20.91
N GLY A 42 4.75 -34.63 -21.20
CA GLY A 42 3.36 -34.51 -20.82
C GLY A 42 3.09 -33.73 -19.55
N LYS A 43 4.09 -33.04 -19.01
CA LYS A 43 3.93 -32.26 -17.78
C LYS A 43 4.56 -30.89 -17.97
N GLY A 44 4.48 -30.07 -16.92
CA GLY A 44 4.95 -28.71 -16.99
C GLY A 44 6.43 -28.57 -16.71
N LEU A 45 6.89 -27.32 -16.71
CA LEU A 45 8.28 -27.00 -16.49
C LEU A 45 8.68 -27.20 -15.03
N GLU A 46 9.97 -27.42 -14.81
CA GLU A 46 10.52 -27.58 -13.48
C GLU A 46 11.95 -27.05 -13.47
N TRP A 47 12.30 -26.34 -12.41
CA TRP A 47 13.60 -25.70 -12.28
C TRP A 47 14.53 -26.59 -11.47
N VAL A 48 15.76 -26.79 -11.96
CA VAL A 48 16.66 -27.77 -11.39
C VAL A 48 17.71 -27.11 -10.50
N ALA A 49 18.58 -26.30 -11.10
CA ALA A 49 19.69 -25.71 -10.37
C ALA A 49 20.13 -24.44 -11.08
N TYR A 50 21.13 -23.75 -10.51
CA TYR A 50 21.73 -22.63 -11.20
C TYR A 50 23.12 -22.37 -10.63
N ILE A 51 23.92 -21.61 -11.38
CA ILE A 51 25.20 -21.12 -10.91
C ILE A 51 25.32 -19.66 -11.33
N SER A 52 26.20 -18.94 -10.64
CA SER A 52 26.43 -17.52 -10.88
C SER A 52 27.74 -17.22 -11.60
N SER A 53 28.80 -17.97 -11.29
CA SER A 53 30.09 -17.88 -11.96
C SER A 53 30.81 -16.57 -11.65
N SER A 54 30.17 -15.68 -10.91
CA SER A 54 30.80 -14.46 -10.43
C SER A 54 31.22 -14.56 -8.98
N SER A 55 30.42 -15.22 -8.15
CA SER A 55 30.78 -15.51 -6.77
C SER A 55 30.81 -17.00 -6.48
N GLY A 56 30.54 -17.84 -7.46
CA GLY A 56 30.54 -19.27 -7.24
C GLY A 56 29.29 -19.82 -6.58
N SER A 57 28.26 -19.00 -6.42
CA SER A 57 27.09 -19.43 -5.67
C SER A 57 26.22 -20.37 -6.48
N THR A 58 25.79 -21.45 -5.82
CA THR A 58 24.95 -22.46 -6.45
C THR A 58 23.80 -22.82 -5.52
N SER A 59 22.74 -23.35 -6.12
CA SER A 59 21.63 -23.91 -5.36
C SER A 59 20.93 -24.93 -6.23
N TYR A 60 20.19 -25.83 -5.60
CA TYR A 60 19.62 -26.97 -6.28
C TYR A 60 18.16 -27.13 -5.89
N ALA A 61 17.41 -27.80 -6.75
CA ALA A 61 16.02 -28.11 -6.43
C ALA A 61 15.94 -29.12 -5.29
N ASP A 62 14.82 -29.11 -4.59
CA ASP A 62 14.64 -30.01 -3.46
C ASP A 62 14.54 -31.47 -3.88
N SER A 63 14.38 -31.75 -5.17
CA SER A 63 14.31 -33.12 -5.66
C SER A 63 15.67 -33.69 -6.01
N VAL A 64 16.63 -32.85 -6.41
CA VAL A 64 17.96 -33.30 -6.80
C VAL A 64 18.99 -32.57 -5.95
N LYS A 65 18.62 -32.20 -4.72
CA LYS A 65 19.51 -31.42 -3.86
C LYS A 65 20.82 -32.16 -3.60
N GLY A 66 20.75 -33.42 -3.19
CA GLY A 66 21.95 -34.15 -2.83
C GLY A 66 22.67 -34.85 -3.95
N ARG A 67 22.09 -34.90 -5.15
CA ARG A 67 22.61 -35.72 -6.24
C ARG A 67 23.40 -34.93 -7.27
N PHE A 68 22.83 -33.86 -7.82
CA PHE A 68 23.46 -33.16 -8.92
C PHE A 68 24.52 -32.20 -8.40
N THR A 69 25.42 -31.79 -9.31
CA THR A 69 26.46 -30.82 -9.02
C THR A 69 26.65 -29.94 -10.23
N ILE A 70 26.75 -28.63 -10.00
CA ILE A 70 26.82 -27.64 -11.07
C ILE A 70 28.11 -26.85 -10.92
N SER A 71 28.78 -26.62 -12.05
CA SER A 71 30.03 -25.86 -12.07
C SER A 71 30.21 -25.29 -13.46
N ALA A 72 31.09 -24.30 -13.57
CA ALA A 72 31.31 -23.60 -14.82
C ALA A 72 32.76 -23.15 -14.93
N ASP A 73 33.16 -22.81 -16.15
CA ASP A 73 34.48 -22.26 -16.42
C ASP A 73 34.34 -21.05 -17.33
N THR A 74 35.30 -20.13 -17.23
CA THR A 74 35.23 -18.87 -17.94
C THR A 74 35.92 -18.92 -19.30
N SER A 75 37.06 -19.61 -19.40
CA SER A 75 37.80 -19.63 -20.66
C SER A 75 36.99 -20.29 -21.77
N LYS A 76 36.28 -21.37 -21.45
CA LYS A 76 35.55 -22.12 -22.46
C LYS A 76 34.10 -21.69 -22.60
N ASN A 77 33.56 -20.92 -21.65
CA ASN A 77 32.19 -20.41 -21.70
C ASN A 77 31.17 -21.56 -21.74
N THR A 78 31.26 -22.46 -20.77
CA THR A 78 30.40 -23.63 -20.71
C THR A 78 30.02 -23.92 -19.27
N ALA A 79 28.76 -24.28 -19.06
CA ALA A 79 28.27 -24.66 -17.74
C ALA A 79 27.98 -26.14 -17.73
N TYR A 80 28.48 -26.83 -16.71
CA TYR A 80 28.35 -28.28 -16.61
C TYR A 80 27.45 -28.63 -15.44
N LEU A 81 26.50 -29.53 -15.69
CA LEU A 81 25.59 -30.02 -14.65
C LEU A 81 25.80 -31.52 -14.53
N GLN A 82 26.64 -31.93 -13.58
CA GLN A 82 26.88 -33.33 -13.35
C GLN A 82 25.64 -34.01 -12.79
N MET A 83 25.34 -35.20 -13.30
CA MET A 83 24.21 -35.99 -12.84
C MET A 83 24.75 -37.24 -12.12
N ASN A 84 24.35 -37.42 -10.88
CA ASN A 84 24.68 -38.62 -10.13
C ASN A 84 23.55 -39.65 -10.33
N SER A 85 23.52 -40.66 -9.47
CA SER A 85 22.55 -41.76 -9.55
C SER A 85 21.14 -41.26 -9.85
N LEU A 86 20.58 -41.72 -10.97
CA LEU A 86 19.29 -41.24 -11.45
C LEU A 86 18.19 -42.23 -11.09
N ARG A 87 17.04 -41.70 -10.67
CA ARG A 87 15.98 -42.48 -10.06
C ARG A 87 14.85 -42.84 -11.02
N ALA A 88 15.04 -42.60 -12.32
CA ALA A 88 14.09 -42.91 -13.39
C ALA A 88 12.85 -42.02 -13.38
N GLU A 89 12.70 -41.14 -12.40
CA GLU A 89 11.65 -40.13 -12.43
C GLU A 89 12.12 -38.81 -13.02
N ASP A 90 13.36 -38.76 -13.51
CA ASP A 90 13.92 -37.57 -14.14
C ASP A 90 14.14 -37.74 -15.63
N THR A 91 13.46 -38.70 -16.25
CA THR A 91 13.55 -38.88 -17.69
C THR A 91 12.80 -37.75 -18.38
N ALA A 92 13.50 -36.69 -18.77
CA ALA A 92 12.83 -35.52 -19.29
C ALA A 92 13.79 -34.73 -20.16
N VAL A 93 13.22 -33.83 -20.95
CA VAL A 93 14.04 -32.90 -21.73
C VAL A 93 14.68 -31.86 -20.81
N TYR A 94 15.78 -31.27 -21.26
CA TYR A 94 16.56 -30.37 -20.42
C TYR A 94 16.92 -29.11 -21.21
N TYR A 95 16.42 -27.96 -20.75
CA TYR A 95 16.67 -26.68 -21.39
C TYR A 95 17.62 -25.84 -20.55
N CYS A 96 18.38 -24.97 -21.21
CA CYS A 96 19.27 -24.04 -20.54
C CYS A 96 18.77 -22.62 -20.75
N ALA A 97 18.89 -21.78 -19.71
CA ALA A 97 18.31 -20.45 -19.74
C ALA A 97 19.30 -19.43 -19.22
N ARG A 98 18.99 -18.15 -19.43
CA ARG A 98 19.88 -17.05 -19.09
C ARG A 98 19.10 -15.96 -18.38
N TRP A 99 19.62 -15.50 -17.24
CA TRP A 99 18.98 -14.47 -16.43
C TRP A 99 20.06 -13.52 -15.93
N GLY A 100 19.87 -12.23 -16.18
CA GLY A 100 20.88 -11.24 -15.86
C GLY A 100 20.94 -10.91 -14.40
N TYR A 101 21.87 -10.02 -14.06
CA TYR A 101 22.12 -9.67 -12.68
C TYR A 101 21.20 -8.53 -12.23
N TRP A 102 21.31 -8.16 -10.95
CA TRP A 102 20.24 -7.38 -10.31
C TRP A 102 20.13 -5.95 -10.85
N PRO A 103 21.12 -5.07 -10.66
CA PRO A 103 20.85 -3.64 -10.86
C PRO A 103 20.46 -3.28 -12.28
N GLY A 104 19.21 -2.89 -12.46
CA GLY A 104 18.72 -2.42 -13.73
C GLY A 104 17.71 -3.36 -14.37
N GLU A 105 17.60 -3.25 -15.68
CA GLU A 105 16.66 -3.99 -16.52
C GLU A 105 17.03 -5.45 -16.75
N PRO A 106 18.32 -5.84 -16.87
CA PRO A 106 18.62 -7.24 -17.18
C PRO A 106 18.02 -8.24 -16.21
N TRP A 107 17.80 -7.85 -14.96
CA TRP A 107 17.15 -8.73 -14.01
C TRP A 107 15.69 -8.99 -14.39
N TRP A 108 15.01 -7.97 -14.92
CA TRP A 108 13.58 -8.09 -15.21
C TRP A 108 13.30 -8.94 -16.43
N LYS A 109 14.24 -9.01 -17.38
CA LYS A 109 14.09 -9.86 -18.56
C LYS A 109 14.55 -11.27 -18.21
N ALA A 110 13.73 -11.94 -17.40
CA ALA A 110 14.07 -13.27 -16.89
C ALA A 110 13.90 -14.31 -17.98
N PHE A 111 14.92 -15.14 -18.17
CA PHE A 111 14.91 -16.25 -19.13
C PHE A 111 14.52 -15.76 -20.52
N ASP A 112 15.23 -14.74 -21.00
CA ASP A 112 14.92 -14.18 -22.30
C ASP A 112 15.41 -15.05 -23.44
N TYR A 113 16.57 -15.69 -23.28
CA TYR A 113 17.08 -16.61 -24.28
C TYR A 113 17.21 -17.98 -23.67
N TRP A 114 16.52 -18.95 -24.25
CA TRP A 114 16.58 -20.34 -23.82
C TRP A 114 17.42 -21.13 -24.82
N GLY A 115 17.51 -22.44 -24.59
CA GLY A 115 18.15 -23.34 -25.51
C GLY A 115 17.16 -24.12 -26.34
N GLN A 116 17.66 -25.18 -26.96
CA GLN A 116 16.81 -26.06 -27.76
C GLN A 116 16.39 -27.32 -27.02
N GLY A 117 17.15 -27.75 -26.04
CA GLY A 117 16.76 -28.89 -25.23
C GLY A 117 17.47 -30.17 -25.64
N THR A 118 17.70 -31.03 -24.67
CA THR A 118 18.29 -32.34 -24.88
C THR A 118 17.50 -33.38 -24.11
N LEU A 119 17.54 -34.63 -24.58
CA LEU A 119 16.78 -35.72 -24.01
C LEU A 119 17.70 -36.62 -23.19
N VAL A 120 17.35 -36.81 -21.92
CA VAL A 120 17.99 -37.80 -21.07
C VAL A 120 16.92 -38.77 -20.59
N THR A 121 17.14 -40.06 -20.80
CA THR A 121 16.15 -41.09 -20.49
C THR A 121 16.77 -42.13 -19.58
N VAL A 122 16.00 -42.56 -18.58
CA VAL A 122 16.40 -43.61 -17.65
C VAL A 122 15.45 -44.77 -17.82
N SER A 123 15.98 -45.97 -17.94
CA SER A 123 15.16 -47.15 -18.16
C SER A 123 15.96 -48.38 -17.75
N SER A 124 15.43 -49.56 -18.07
CA SER A 124 16.12 -50.82 -17.82
C SER A 124 16.10 -51.76 -19.02
N ALA A 125 15.41 -51.39 -20.09
CA ALA A 125 15.36 -52.24 -21.28
C ALA A 125 16.71 -52.25 -22.00
N ASP B 1 7.79 -23.94 -0.91
CA ASP B 1 8.10 -22.72 -1.65
C ASP B 1 6.81 -22.07 -2.14
N ILE B 2 6.95 -20.92 -2.80
CA ILE B 2 5.78 -20.20 -3.28
C ILE B 2 5.14 -20.99 -4.42
N GLN B 3 3.86 -21.28 -4.29
CA GLN B 3 3.13 -22.08 -5.26
C GLN B 3 2.28 -21.16 -6.12
N MET B 4 2.25 -21.42 -7.42
CA MET B 4 1.53 -20.59 -8.37
C MET B 4 0.60 -21.48 -9.19
N THR B 5 -0.69 -21.12 -9.23
CA THR B 5 -1.72 -21.92 -9.86
C THR B 5 -2.35 -21.17 -11.02
N GLN B 6 -2.73 -21.90 -12.06
CA GLN B 6 -3.43 -21.36 -13.21
C GLN B 6 -4.84 -21.94 -13.24
N SER B 7 -5.85 -21.06 -13.29
CA SER B 7 -7.23 -21.53 -13.18
C SER B 7 -7.67 -22.32 -14.40
N PRO B 8 -7.63 -21.79 -15.64
CA PRO B 8 -8.16 -22.55 -16.78
C PRO B 8 -7.12 -23.53 -17.32
N SER B 9 -7.42 -24.82 -17.18
CA SER B 9 -6.52 -25.85 -17.69
C SER B 9 -6.60 -25.95 -19.21
N SER B 10 -7.81 -25.92 -19.75
CA SER B 10 -8.03 -25.99 -21.19
C SER B 10 -9.01 -24.90 -21.59
N LEU B 11 -8.73 -24.26 -22.72
CA LEU B 11 -9.59 -23.19 -23.21
C LEU B 11 -9.74 -23.34 -24.72
N SER B 12 -10.94 -23.11 -25.21
CA SER B 12 -11.25 -23.26 -26.63
C SER B 12 -11.79 -21.95 -27.18
N ALA B 13 -11.28 -21.57 -28.36
CA ALA B 13 -11.73 -20.36 -29.03
C ALA B 13 -11.32 -20.45 -30.49
N SER B 14 -11.93 -19.60 -31.31
CA SER B 14 -11.63 -19.55 -32.74
C SER B 14 -10.71 -18.36 -33.02
N VAL B 15 -10.48 -18.10 -34.30
CA VAL B 15 -9.60 -17.00 -34.69
C VAL B 15 -10.34 -15.68 -34.55
N GLY B 16 -9.61 -14.66 -34.12
CA GLY B 16 -10.15 -13.31 -34.02
C GLY B 16 -10.88 -12.98 -32.74
N ASP B 17 -11.08 -13.94 -31.85
CA ASP B 17 -11.85 -13.70 -30.64
C ASP B 17 -10.93 -13.26 -29.50
N ARG B 18 -11.49 -13.12 -28.31
CA ARG B 18 -10.75 -12.63 -27.16
C ARG B 18 -10.63 -13.76 -26.14
N VAL B 19 -9.42 -13.92 -25.58
CA VAL B 19 -9.12 -15.00 -24.66
C VAL B 19 -8.25 -14.46 -23.52
N THR B 20 -8.46 -15.01 -22.33
CA THR B 20 -7.78 -14.54 -21.13
C THR B 20 -7.34 -15.73 -20.29
N ILE B 21 -6.11 -15.68 -19.79
CA ILE B 21 -5.56 -16.71 -18.92
C ILE B 21 -5.17 -16.06 -17.60
N THR B 22 -5.60 -16.66 -16.49
CA THR B 22 -5.39 -16.09 -15.17
C THR B 22 -4.39 -16.93 -14.38
N CYS B 23 -3.70 -16.28 -13.44
CA CYS B 23 -2.64 -16.93 -12.68
C CYS B 23 -2.56 -16.27 -11.31
N ARG B 24 -2.63 -17.07 -10.25
CA ARG B 24 -2.59 -16.57 -8.88
C ARG B 24 -1.37 -17.13 -8.15
N ALA B 25 -0.77 -16.29 -7.32
CA ALA B 25 0.40 -16.65 -6.54
C ALA B 25 0.05 -16.68 -5.06
N SER B 26 0.55 -17.69 -4.35
CA SER B 26 0.20 -17.86 -2.96
C SER B 26 0.78 -16.75 -2.09
N GLN B 27 1.95 -16.23 -2.47
CA GLN B 27 2.68 -15.26 -1.67
C GLN B 27 3.00 -14.07 -2.56
N SER B 28 3.12 -12.89 -1.94
CA SER B 28 3.27 -11.67 -2.71
C SER B 28 4.56 -11.68 -3.52
N VAL B 29 4.43 -11.51 -4.83
CA VAL B 29 5.54 -11.25 -5.73
C VAL B 29 5.25 -9.93 -6.43
N SER B 30 6.17 -8.98 -6.32
CA SER B 30 5.91 -7.61 -6.76
C SER B 30 6.19 -7.50 -8.26
N SER B 31 5.20 -7.92 -9.04
CA SER B 31 5.27 -7.86 -10.51
C SER B 31 6.45 -8.65 -11.05
N ALA B 32 6.91 -9.66 -10.31
CA ALA B 32 7.97 -10.53 -10.79
C ALA B 32 7.39 -11.81 -11.39
N VAL B 33 6.53 -11.62 -12.40
CA VAL B 33 5.85 -12.72 -13.08
C VAL B 33 5.98 -12.54 -14.58
N ALA B 34 6.28 -13.63 -15.28
CA ALA B 34 6.49 -13.62 -16.72
C ALA B 34 5.63 -14.70 -17.37
N TRP B 35 5.22 -14.44 -18.61
CA TRP B 35 4.40 -15.35 -19.38
C TRP B 35 5.21 -15.90 -20.54
N TYR B 36 5.07 -17.20 -20.79
CA TYR B 36 5.77 -17.87 -21.88
C TYR B 36 4.78 -18.56 -22.80
N GLN B 37 5.23 -18.81 -24.03
CA GLN B 37 4.44 -19.52 -25.03
C GLN B 37 5.27 -20.65 -25.58
N GLN B 38 4.72 -21.87 -25.59
CA GLN B 38 5.47 -23.04 -26.02
C GLN B 38 4.64 -23.83 -27.02
N LYS B 39 5.04 -23.75 -28.28
CA LYS B 39 4.48 -24.59 -29.31
C LYS B 39 4.92 -26.03 -29.09
N PRO B 40 4.19 -27.01 -29.64
CA PRO B 40 4.58 -28.40 -29.43
C PRO B 40 5.88 -28.75 -30.15
N GLY B 41 6.93 -29.02 -29.40
CA GLY B 41 8.19 -29.44 -29.96
C GLY B 41 9.27 -28.38 -30.05
N LYS B 42 9.04 -27.20 -29.50
CA LYS B 42 9.99 -26.10 -29.57
C LYS B 42 10.35 -25.62 -28.16
N ALA B 43 11.19 -24.60 -28.11
CA ALA B 43 11.59 -23.99 -26.85
C ALA B 43 10.55 -22.99 -26.38
N PRO B 44 10.48 -22.73 -25.07
CA PRO B 44 9.58 -21.68 -24.59
C PRO B 44 10.05 -20.30 -25.02
N LYS B 45 9.10 -19.39 -25.15
CA LYS B 45 9.37 -18.03 -25.59
C LYS B 45 8.75 -17.03 -24.63
N LEU B 46 9.56 -16.05 -24.20
CA LEU B 46 9.09 -15.04 -23.28
C LEU B 46 8.21 -14.03 -24.02
N LEU B 47 7.07 -13.69 -23.42
CA LEU B 47 6.12 -12.76 -24.02
C LEU B 47 6.01 -11.47 -23.21
N ILE B 48 5.64 -11.55 -21.93
CA ILE B 48 5.49 -10.39 -21.07
C ILE B 48 6.39 -10.58 -19.87
N TYR B 49 7.33 -9.68 -19.68
CA TYR B 49 8.17 -9.67 -18.49
C TYR B 49 7.75 -8.52 -17.59
N SER B 50 7.92 -8.73 -16.28
CA SER B 50 7.41 -7.82 -15.25
C SER B 50 5.90 -7.68 -15.31
N ALA B 51 5.24 -8.68 -15.90
CA ALA B 51 3.78 -8.83 -15.89
C ALA B 51 3.07 -7.76 -16.71
N SER B 52 3.81 -6.77 -17.21
CA SER B 52 3.19 -5.72 -18.01
C SER B 52 4.00 -5.29 -19.22
N SER B 53 5.29 -5.61 -19.30
CA SER B 53 6.14 -5.11 -20.36
C SER B 53 6.27 -6.15 -21.46
N LEU B 54 6.06 -5.74 -22.69
CA LEU B 54 6.16 -6.65 -23.82
C LEU B 54 7.61 -6.74 -24.28
N TYR B 55 8.13 -7.96 -24.33
CA TYR B 55 9.48 -8.21 -24.79
C TYR B 55 9.61 -7.83 -26.26
N SER B 56 10.84 -7.54 -26.67
CA SER B 56 11.10 -7.14 -28.05
C SER B 56 10.77 -8.27 -29.01
N GLY B 57 10.16 -7.92 -30.14
CA GLY B 57 9.83 -8.86 -31.18
C GLY B 57 8.43 -9.44 -31.09
N VAL B 58 7.90 -9.61 -29.88
CA VAL B 58 6.57 -10.19 -29.71
C VAL B 58 5.54 -9.27 -30.32
N PRO B 59 4.52 -9.78 -31.01
CA PRO B 59 3.46 -8.91 -31.55
C PRO B 59 2.74 -8.16 -30.44
N SER B 60 2.00 -7.12 -30.86
CA SER B 60 1.42 -6.16 -29.95
C SER B 60 -0.01 -6.52 -29.51
N ARG B 61 -0.51 -7.69 -29.87
CA ARG B 61 -1.84 -8.12 -29.45
C ARG B 61 -1.83 -8.78 -28.08
N PHE B 62 -0.67 -8.91 -27.44
CA PHE B 62 -0.56 -9.44 -26.10
C PHE B 62 -0.54 -8.31 -25.08
N SER B 63 -1.01 -8.61 -23.87
CA SER B 63 -1.02 -7.63 -22.78
C SER B 63 -1.27 -8.35 -21.47
N GLY B 64 -0.61 -7.90 -20.42
CA GLY B 64 -0.75 -8.50 -19.11
C GLY B 64 -1.02 -7.46 -18.04
N SER B 65 -1.86 -7.82 -17.08
CA SER B 65 -2.25 -6.93 -16.00
C SER B 65 -2.10 -7.63 -14.66
N ARG B 66 -1.71 -6.86 -13.65
CA ARG B 66 -1.53 -7.37 -12.30
C ARG B 66 -2.45 -6.61 -11.34
N SER B 67 -3.09 -7.35 -10.42
CA SER B 67 -3.88 -6.76 -9.35
C SER B 67 -3.67 -7.60 -8.10
N GLY B 68 -2.70 -7.21 -7.28
CA GLY B 68 -2.39 -7.96 -6.09
C GLY B 68 -1.61 -9.23 -6.40
N THR B 69 -2.24 -10.38 -6.20
CA THR B 69 -1.66 -11.67 -6.57
C THR B 69 -2.47 -12.32 -7.67
N ASP B 70 -3.00 -11.52 -8.59
CA ASP B 70 -3.79 -12.01 -9.71
C ASP B 70 -3.23 -11.43 -11.00
N PHE B 71 -2.77 -12.30 -11.89
CA PHE B 71 -2.14 -11.89 -13.15
C PHE B 71 -2.92 -12.48 -14.31
N THR B 72 -3.27 -11.64 -15.28
CA THR B 72 -4.10 -12.05 -16.41
C THR B 72 -3.40 -11.67 -17.72
N LEU B 73 -3.37 -12.62 -18.64
CA LEU B 73 -2.77 -12.42 -19.96
C LEU B 73 -3.87 -12.54 -21.01
N THR B 74 -3.98 -11.53 -21.86
CA THR B 74 -5.04 -11.46 -22.87
C THR B 74 -4.43 -11.35 -24.25
N ILE B 75 -5.04 -12.03 -25.21
CA ILE B 75 -4.77 -11.86 -26.62
C ILE B 75 -6.03 -11.35 -27.28
N SER B 76 -6.00 -10.09 -27.73
CA SER B 76 -7.23 -9.41 -28.15
C SER B 76 -7.88 -10.08 -29.33
N SER B 77 -7.09 -10.47 -30.33
CA SER B 77 -7.61 -11.13 -31.52
C SER B 77 -6.60 -12.21 -31.90
N LEU B 78 -6.82 -13.42 -31.40
CA LEU B 78 -5.86 -14.49 -31.62
C LEU B 78 -5.93 -14.97 -33.06
N GLN B 79 -4.80 -15.46 -33.54
CA GLN B 79 -4.60 -15.87 -34.92
C GLN B 79 -4.13 -17.31 -34.94
N PRO B 80 -4.10 -17.94 -36.13
CA PRO B 80 -3.69 -19.36 -36.19
C PRO B 80 -2.32 -19.64 -35.62
N GLU B 81 -1.41 -18.67 -35.58
CA GLU B 81 -0.08 -18.88 -35.04
C GLU B 81 -0.01 -18.68 -33.53
N ASP B 82 -1.14 -18.44 -32.87
CA ASP B 82 -1.17 -18.18 -31.44
C ASP B 82 -1.57 -19.41 -30.61
N PHE B 83 -1.66 -20.58 -31.24
CA PHE B 83 -2.14 -21.78 -30.57
C PHE B 83 -0.95 -22.56 -30.00
N ALA B 84 -0.84 -22.58 -28.68
CA ALA B 84 0.24 -23.25 -27.98
C ALA B 84 -0.15 -23.35 -26.51
N THR B 85 0.80 -23.75 -25.67
CA THR B 85 0.59 -23.84 -24.25
C THR B 85 1.33 -22.71 -23.56
N TYR B 86 0.64 -21.97 -22.70
CA TYR B 86 1.22 -20.84 -22.00
C TYR B 86 1.48 -21.19 -20.55
N TYR B 87 2.52 -20.60 -19.99
CA TYR B 87 3.01 -20.93 -18.65
C TYR B 87 3.18 -19.67 -17.82
N CYS B 88 2.96 -19.81 -16.53
CA CYS B 88 3.21 -18.77 -15.55
C CYS B 88 4.55 -19.02 -14.88
N GLN B 89 5.18 -17.95 -14.40
CA GLN B 89 6.46 -18.09 -13.72
C GLN B 89 6.71 -16.88 -12.83
N GLN B 90 7.23 -17.13 -11.64
CA GLN B 90 7.69 -16.07 -10.75
C GLN B 90 9.20 -16.12 -10.61
N TYR B 91 9.82 -14.96 -10.53
CA TYR B 91 11.27 -14.85 -10.50
C TYR B 91 11.71 -13.84 -9.43
N LEU B 92 11.17 -13.98 -8.23
CA LEU B 92 11.54 -13.08 -7.14
C LEU B 92 13.01 -13.21 -6.78
N TYR B 93 13.51 -14.44 -6.67
CA TYR B 93 14.92 -14.69 -6.45
C TYR B 93 15.33 -15.92 -7.25
N TYR B 94 16.63 -16.19 -7.29
CA TYR B 94 17.15 -17.26 -8.12
C TYR B 94 16.66 -18.63 -7.67
N SER B 95 16.65 -18.89 -6.36
CA SER B 95 16.38 -20.22 -5.85
C SER B 95 14.89 -20.48 -5.64
N LEU B 96 14.03 -19.52 -5.91
CA LEU B 96 12.59 -19.63 -5.68
C LEU B 96 11.80 -19.55 -6.98
N VAL B 97 12.25 -20.24 -8.01
CA VAL B 97 11.61 -20.19 -9.32
C VAL B 97 10.65 -21.36 -9.45
N THR B 98 9.36 -21.05 -9.59
CA THR B 98 8.32 -22.06 -9.80
C THR B 98 7.50 -21.67 -11.01
N PHE B 99 6.99 -22.68 -11.70
CA PHE B 99 6.17 -22.49 -12.89
C PHE B 99 4.78 -23.09 -12.65
N GLY B 100 3.77 -22.44 -13.22
CA GLY B 100 2.43 -22.98 -13.16
C GLY B 100 2.23 -24.10 -14.16
N GLN B 101 1.06 -24.72 -14.08
CA GLN B 101 0.70 -25.78 -15.00
C GLN B 101 0.22 -25.19 -16.32
N GLY B 102 0.13 -26.05 -17.33
CA GLY B 102 -0.13 -25.57 -18.67
C GLY B 102 -1.57 -25.16 -18.89
N THR B 103 -1.75 -24.22 -19.82
CA THR B 103 -3.05 -23.88 -20.38
C THR B 103 -3.00 -24.09 -21.88
N LYS B 104 -3.95 -24.86 -22.40
CA LYS B 104 -3.96 -25.24 -23.81
C LYS B 104 -5.10 -24.54 -24.53
N VAL B 105 -4.80 -23.99 -25.70
CA VAL B 105 -5.79 -23.29 -26.51
C VAL B 105 -6.01 -24.07 -27.79
N GLU B 106 -7.28 -24.40 -28.07
CA GLU B 106 -7.64 -25.19 -29.23
C GLU B 106 -8.64 -24.41 -30.07
N ILE B 107 -9.12 -25.05 -31.14
CA ILE B 107 -10.04 -24.44 -32.09
C ILE B 107 -11.43 -24.99 -31.84
N LYS B 108 -12.39 -24.11 -31.62
CA LYS B 108 -13.75 -24.49 -31.22
C LYS B 108 -14.58 -24.96 -32.40
N THR C 6 -28.55 -3.30 -0.83
CA THR C 6 -28.82 -1.88 -0.86
C THR C 6 -29.25 -1.39 0.51
N ARG C 7 -28.78 -0.19 0.88
CA ARG C 7 -29.09 0.40 2.18
C ARG C 7 -29.41 1.87 1.99
N VAL C 8 -30.62 2.26 2.38
CA VAL C 8 -31.04 3.66 2.38
C VAL C 8 -31.69 3.98 3.72
N PHE C 9 -31.72 5.27 4.03
CA PHE C 9 -32.22 5.77 5.30
C PHE C 9 -33.43 6.66 5.06
N LYS C 10 -34.11 7.03 6.15
CA LYS C 10 -35.39 7.71 6.02
C LYS C 10 -35.79 8.32 7.35
N LYS C 11 -36.41 9.50 7.28
CA LYS C 11 -36.99 10.17 8.44
C LYS C 11 -38.35 10.74 8.08
N ALA C 12 -39.34 10.46 8.91
CA ALA C 12 -40.69 10.97 8.73
C ALA C 12 -40.86 12.26 9.52
N SER C 13 -42.10 12.68 9.71
CA SER C 13 -42.41 13.91 10.43
C SER C 13 -43.48 13.66 11.48
N PRO C 14 -43.54 14.50 12.53
CA PRO C 14 -44.59 14.32 13.54
C PRO C 14 -46.00 14.42 12.99
N ASN C 15 -46.24 15.25 11.97
CA ASN C 15 -47.53 15.32 11.31
C ASN C 15 -47.61 14.43 10.07
N GLY C 16 -46.53 13.76 9.71
CA GLY C 16 -46.58 12.79 8.63
C GLY C 16 -46.98 13.39 7.30
N LYS C 17 -46.34 14.48 6.91
CA LYS C 17 -46.63 15.13 5.64
C LYS C 17 -45.45 15.11 4.68
N LEU C 18 -44.33 14.50 5.05
CA LEU C 18 -43.20 14.35 4.15
C LEU C 18 -42.24 13.29 4.68
N THR C 19 -41.33 12.87 3.81
CA THR C 19 -40.30 11.91 4.17
C THR C 19 -39.08 12.18 3.31
N VAL C 20 -37.90 12.00 3.88
CA VAL C 20 -36.63 12.27 3.20
C VAL C 20 -35.80 10.99 3.22
N TYR C 21 -35.23 10.65 2.07
CA TYR C 21 -34.43 9.44 1.94
C TYR C 21 -33.03 9.80 1.45
N LEU C 22 -32.04 9.02 1.89
CA LEU C 22 -30.66 9.26 1.52
C LEU C 22 -29.93 7.93 1.38
N GLY C 23 -28.85 7.95 0.63
CA GLY C 23 -28.10 6.73 0.38
C GLY C 23 -26.94 6.54 1.34
N LYS C 24 -26.57 7.59 2.07
CA LYS C 24 -25.41 7.55 2.94
C LYS C 24 -25.66 8.42 4.16
N ARG C 25 -24.82 8.22 5.18
CA ARG C 25 -24.79 9.06 6.38
C ARG C 25 -23.73 10.14 6.30
N ASP C 26 -22.48 9.74 6.07
CA ASP C 26 -21.35 10.66 6.02
C ASP C 26 -20.83 10.73 4.60
N PHE C 27 -20.56 11.94 4.12
CA PHE C 27 -20.18 12.18 2.75
C PHE C 27 -18.69 12.49 2.70
N VAL C 28 -17.94 11.67 1.97
CA VAL C 28 -16.49 11.81 1.96
C VAL C 28 -16.08 13.08 1.24
N ASP C 29 -14.85 13.51 1.49
CA ASP C 29 -14.29 14.72 0.89
C ASP C 29 -13.02 14.33 0.15
N HIS C 30 -13.06 14.41 -1.19
CA HIS C 30 -11.94 14.01 -2.03
C HIS C 30 -10.98 15.15 -2.33
N ILE C 31 -10.89 16.14 -1.43
CA ILE C 31 -10.02 17.29 -1.58
C ILE C 31 -10.45 18.12 -2.78
N ASP C 32 -10.34 17.55 -3.98
CA ASP C 32 -10.73 18.29 -5.18
C ASP C 32 -12.25 18.50 -5.24
N LEU C 33 -13.02 17.49 -4.85
CA LEU C 33 -14.47 17.58 -4.89
C LEU C 33 -15.06 16.79 -3.74
N VAL C 34 -16.32 17.10 -3.41
CA VAL C 34 -17.05 16.43 -2.35
C VAL C 34 -18.23 15.72 -2.97
N ASP C 35 -18.45 14.47 -2.52
CA ASP C 35 -19.56 13.64 -3.07
C ASP C 35 -20.88 14.38 -2.88
N PRO C 36 -21.78 14.37 -3.89
CA PRO C 36 -23.04 15.09 -3.79
C PRO C 36 -24.03 14.41 -2.87
N VAL C 37 -25.05 15.17 -2.46
CA VAL C 37 -26.13 14.68 -1.62
C VAL C 37 -27.28 14.29 -2.55
N ASP C 38 -27.42 12.99 -2.80
CA ASP C 38 -28.41 12.48 -3.74
C ASP C 38 -29.69 12.03 -3.03
N GLY C 39 -30.38 13.01 -2.47
CA GLY C 39 -31.56 12.74 -1.69
C GLY C 39 -32.78 12.41 -2.52
N VAL C 40 -33.86 12.06 -1.83
CA VAL C 40 -35.17 11.81 -2.43
C VAL C 40 -36.22 12.28 -1.42
N VAL C 41 -37.31 12.84 -1.93
CA VAL C 41 -38.39 13.32 -1.08
C VAL C 41 -39.70 12.74 -1.57
N LEU C 42 -40.52 12.25 -0.63
CA LEU C 42 -41.88 11.80 -0.89
C LEU C 42 -42.83 12.69 -0.11
N VAL C 43 -43.85 13.20 -0.78
CA VAL C 43 -44.76 14.15 -0.17
C VAL C 43 -46.19 13.70 -0.41
N ASP C 44 -47.06 13.99 0.56
CA ASP C 44 -48.49 13.76 0.43
C ASP C 44 -49.16 15.07 0.07
N PRO C 45 -49.69 15.23 -1.15
CA PRO C 45 -50.22 16.54 -1.55
C PRO C 45 -51.54 16.90 -0.93
N GLU C 46 -52.15 16.02 -0.13
CA GLU C 46 -53.51 16.29 0.35
C GLU C 46 -53.55 17.51 1.25
N TYR C 47 -52.69 17.56 2.29
CA TYR C 47 -52.62 18.75 3.13
C TYR C 47 -51.94 19.89 2.39
N LEU C 48 -50.92 19.56 1.59
CA LEU C 48 -50.13 20.58 0.86
C LEU C 48 -50.81 20.86 -0.48
N LYS C 49 -52.13 20.82 -0.52
CA LYS C 49 -52.87 20.98 -1.77
C LYS C 49 -52.59 22.31 -2.44
N GLU C 50 -52.29 23.35 -1.65
CA GLU C 50 -51.92 24.64 -2.22
C GLU C 50 -50.44 24.96 -2.04
N ARG C 51 -49.83 24.47 -0.98
CA ARG C 51 -48.48 24.89 -0.59
C ARG C 51 -47.43 24.18 -1.45
N ARG C 52 -46.16 24.37 -1.10
CA ARG C 52 -45.03 23.75 -1.78
C ARG C 52 -44.07 23.20 -0.73
N VAL C 53 -43.05 22.47 -1.17
CA VAL C 53 -42.06 21.90 -0.28
C VAL C 53 -40.66 22.21 -0.82
N TYR C 54 -39.75 22.51 0.09
CA TYR C 54 -38.37 22.85 -0.24
C TYR C 54 -37.42 21.98 0.58
N VAL C 55 -36.18 21.87 0.12
CA VAL C 55 -35.13 21.16 0.83
C VAL C 55 -33.95 22.09 0.99
N THR C 56 -33.39 22.17 2.20
CA THR C 56 -32.35 23.14 2.50
C THR C 56 -31.15 22.47 3.14
N LEU C 57 -29.97 23.03 2.88
CA LEU C 57 -28.72 22.56 3.45
C LEU C 57 -28.04 23.73 4.14
N THR C 58 -27.60 23.51 5.38
CA THR C 58 -26.97 24.55 6.18
C THR C 58 -25.69 24.03 6.79
N CYS C 59 -24.59 24.75 6.57
CA CYS C 59 -23.30 24.47 7.20
C CYS C 59 -22.99 25.63 8.13
N ALA C 60 -23.17 25.41 9.44
CA ALA C 60 -23.16 26.48 10.41
C ALA C 60 -22.20 26.18 11.56
N PHE C 61 -21.77 27.25 12.22
CA PHE C 61 -20.95 27.18 13.42
C PHE C 61 -21.78 27.71 14.58
N ARG C 62 -22.09 26.85 15.53
CA ARG C 62 -22.89 27.25 16.67
C ARG C 62 -22.36 26.66 17.98
N THR C 74 -27.84 32.84 22.44
CA THR C 74 -27.04 31.80 21.80
C THR C 74 -26.29 32.35 20.60
N PHE C 75 -25.00 32.04 20.52
CA PHE C 75 -24.16 32.51 19.43
C PHE C 75 -24.15 31.49 18.31
N ARG C 76 -24.60 31.90 17.12
CA ARG C 76 -24.69 30.99 15.99
C ARG C 76 -24.42 31.75 14.70
N LYS C 77 -23.55 31.19 13.86
CA LYS C 77 -23.27 31.74 12.54
C LYS C 77 -23.22 30.61 11.52
N ASP C 78 -23.51 30.95 10.27
CA ASP C 78 -23.51 30.01 9.16
C ASP C 78 -22.27 30.19 8.31
N LEU C 79 -22.03 29.22 7.42
CA LEU C 79 -20.90 29.31 6.51
C LEU C 79 -21.29 29.00 5.07
N PHE C 80 -22.35 28.23 4.86
CA PHE C 80 -22.79 27.91 3.51
C PHE C 80 -24.26 27.49 3.55
N VAL C 81 -24.97 27.77 2.48
CA VAL C 81 -26.41 27.50 2.41
C VAL C 81 -26.81 27.39 0.95
N ALA C 82 -27.76 26.51 0.67
CA ALA C 82 -28.29 26.30 -0.68
C ALA C 82 -29.67 25.67 -0.57
N ASN C 83 -30.56 26.07 -1.48
CA ASN C 83 -31.94 25.61 -1.45
C ASN C 83 -32.33 25.03 -2.80
N VAL C 84 -33.27 24.09 -2.75
CA VAL C 84 -33.81 23.43 -3.94
C VAL C 84 -35.29 23.20 -3.71
N GLN C 85 -36.08 23.35 -4.77
CA GLN C 85 -37.52 23.18 -4.72
C GLN C 85 -37.89 21.86 -5.41
N SER C 86 -38.66 21.03 -4.73
CA SER C 86 -39.00 19.71 -5.27
C SER C 86 -39.84 19.82 -6.53
N PHE C 87 -40.96 20.54 -6.45
CA PHE C 87 -41.90 20.62 -7.56
C PHE C 87 -42.41 22.05 -7.69
N PRO C 88 -42.90 22.44 -8.87
CA PRO C 88 -42.89 21.67 -10.12
C PRO C 88 -41.47 21.54 -10.65
N PRO C 89 -41.13 20.38 -11.21
CA PRO C 89 -39.77 20.16 -11.69
C PRO C 89 -39.52 20.78 -13.05
N ALA C 90 -40.39 21.71 -13.45
CA ALA C 90 -40.24 22.41 -14.73
C ALA C 90 -38.86 23.04 -14.92
N PRO C 91 -38.28 23.77 -13.95
CA PRO C 91 -36.88 24.18 -14.14
C PRO C 91 -35.93 23.09 -13.67
N GLU C 92 -35.89 22.01 -14.44
CA GLU C 92 -35.20 20.79 -14.03
C GLU C 92 -33.69 20.97 -14.09
N ASP C 93 -33.14 21.71 -13.15
CA ASP C 93 -31.68 21.81 -13.01
C ASP C 93 -31.12 20.48 -12.51
N LYS C 94 -29.85 20.24 -12.83
CA LYS C 94 -29.19 18.95 -12.58
C LYS C 94 -30.06 17.80 -13.08
N LYS C 95 -30.55 17.95 -14.31
CA LYS C 95 -31.46 16.97 -14.90
C LYS C 95 -30.84 15.57 -15.07
N PRO C 96 -29.51 15.39 -15.19
CA PRO C 96 -28.98 14.03 -15.11
C PRO C 96 -29.14 13.45 -13.71
N LEU C 97 -30.02 12.46 -13.58
CA LEU C 97 -30.29 11.85 -12.29
C LEU C 97 -29.36 10.67 -12.07
N THR C 98 -28.72 10.63 -10.91
CA THR C 98 -27.86 9.50 -10.58
C THR C 98 -28.69 8.23 -10.47
N ARG C 99 -28.00 7.09 -10.58
CA ARG C 99 -28.70 5.82 -10.67
C ARG C 99 -29.59 5.59 -9.46
N LEU C 100 -29.03 5.73 -8.25
CA LEU C 100 -29.80 5.44 -7.04
C LEU C 100 -31.05 6.29 -6.96
N GLN C 101 -30.97 7.55 -7.39
CA GLN C 101 -32.14 8.40 -7.38
C GLN C 101 -33.25 7.84 -8.27
N GLU C 102 -32.89 7.42 -9.49
CA GLU C 102 -33.88 6.86 -10.39
C GLU C 102 -34.47 5.58 -9.85
N ARG C 103 -33.62 4.69 -9.30
CA ARG C 103 -34.15 3.44 -8.75
C ARG C 103 -35.07 3.69 -7.58
N LEU C 104 -34.72 4.64 -6.70
CA LEU C 104 -35.59 4.94 -5.57
C LEU C 104 -36.92 5.52 -6.03
N ILE C 105 -36.88 6.43 -7.02
CA ILE C 105 -38.12 7.03 -7.49
C ILE C 105 -39.01 5.98 -8.17
N LYS C 106 -38.41 5.12 -9.00
CA LYS C 106 -39.21 4.13 -9.73
C LYS C 106 -39.73 3.04 -8.81
N LYS C 107 -38.95 2.64 -7.80
CA LYS C 107 -39.39 1.61 -6.86
C LYS C 107 -40.61 2.07 -6.09
N LEU C 108 -40.61 3.31 -5.64
CA LEU C 108 -41.70 3.80 -4.80
C LEU C 108 -42.74 4.45 -5.72
N GLY C 109 -43.77 5.05 -5.13
CA GLY C 109 -44.89 5.58 -5.89
C GLY C 109 -44.53 6.72 -6.82
N GLU C 110 -45.54 7.32 -7.45
CA GLU C 110 -45.32 8.37 -8.43
C GLU C 110 -45.19 9.75 -7.82
N HIS C 111 -45.32 9.88 -6.50
CA HIS C 111 -45.24 11.18 -5.84
C HIS C 111 -43.86 11.48 -5.27
N ALA C 112 -42.89 10.61 -5.47
CA ALA C 112 -41.52 10.88 -5.05
C ALA C 112 -40.81 11.74 -6.09
N TYR C 113 -40.04 12.71 -5.63
CA TYR C 113 -39.36 13.63 -6.52
C TYR C 113 -37.90 13.77 -6.10
N PRO C 114 -37.01 14.07 -7.04
CA PRO C 114 -35.58 14.10 -6.74
C PRO C 114 -35.08 15.49 -6.37
N PHE C 115 -33.88 15.49 -5.79
CA PHE C 115 -33.13 16.73 -5.55
C PHE C 115 -31.68 16.35 -5.37
N THR C 116 -30.80 17.35 -5.47
CA THR C 116 -29.36 17.12 -5.36
C THR C 116 -28.70 18.37 -4.83
N PHE C 117 -27.68 18.19 -3.98
CA PHE C 117 -26.87 19.27 -3.46
C PHE C 117 -25.41 19.04 -3.81
N GLU C 118 -24.69 20.12 -4.10
CA GLU C 118 -23.24 20.10 -4.27
C GLU C 118 -22.63 21.19 -3.42
N ILE C 119 -21.50 20.90 -2.78
CA ILE C 119 -20.99 21.79 -1.75
C ILE C 119 -19.50 22.10 -1.97
N PRO C 120 -19.07 23.31 -1.65
CA PRO C 120 -17.62 23.61 -1.64
C PRO C 120 -17.01 23.23 -0.31
N PRO C 121 -15.68 23.19 -0.21
CA PRO C 121 -15.04 22.69 1.02
C PRO C 121 -15.27 23.57 2.25
N ASN C 122 -15.25 22.92 3.41
CA ASN C 122 -15.32 23.57 4.72
C ASN C 122 -14.75 22.59 5.74
N LEU C 123 -15.00 22.86 7.03
CA LEU C 123 -14.42 22.05 8.11
C LEU C 123 -15.49 21.28 8.88
N PRO C 124 -15.31 19.98 9.10
CA PRO C 124 -16.40 19.14 9.62
C PRO C 124 -16.42 18.83 11.12
N CYS C 125 -15.42 19.23 11.90
CA CYS C 125 -15.25 18.71 13.25
C CYS C 125 -16.05 19.50 14.28
N SER C 126 -16.10 18.96 15.50
CA SER C 126 -16.80 19.57 16.62
C SER C 126 -15.85 19.71 17.81
N VAL C 127 -16.37 20.32 18.88
CA VAL C 127 -15.59 20.52 20.11
C VAL C 127 -16.22 19.70 21.22
N THR C 128 -15.45 19.49 22.28
CA THR C 128 -15.90 18.64 23.36
C THR C 128 -17.02 19.31 24.16
N LEU C 129 -17.81 18.48 24.83
CA LEU C 129 -18.99 18.94 25.56
C LEU C 129 -18.64 19.00 27.04
N GLN C 130 -18.10 20.15 27.45
CA GLN C 130 -17.80 20.43 28.84
C GLN C 130 -18.30 21.82 29.19
N PRO C 131 -18.73 22.02 30.45
CA PRO C 131 -19.17 23.37 30.85
C PRO C 131 -18.01 24.36 30.85
N GLY C 132 -18.27 25.55 30.33
CA GLY C 132 -17.27 26.59 30.28
C GLY C 132 -16.13 26.32 29.32
N PRO C 133 -16.42 26.31 28.02
CA PRO C 133 -15.36 26.03 27.04
C PRO C 133 -14.41 27.19 26.87
N GLU C 134 -13.49 27.07 25.91
CA GLU C 134 -12.48 28.08 25.65
C GLU C 134 -12.86 29.04 24.53
N ASP C 135 -14.09 28.93 24.00
CA ASP C 135 -14.52 29.75 22.88
C ASP C 135 -15.85 30.41 23.21
N THR C 136 -16.31 31.25 22.28
CA THR C 136 -17.60 31.91 22.43
C THR C 136 -18.73 30.89 22.31
N GLY C 137 -19.68 30.97 23.23
CA GLY C 137 -20.81 30.05 23.25
C GLY C 137 -20.54 28.81 24.07
N LYS C 138 -21.55 27.95 24.12
CA LYS C 138 -21.50 26.70 24.88
C LYS C 138 -21.96 25.55 23.98
N ALA C 139 -21.31 24.39 24.16
CA ALA C 139 -21.59 23.19 23.38
C ALA C 139 -21.45 23.48 21.87
N CYS C 140 -20.30 24.01 21.50
CA CYS C 140 -20.09 24.51 20.15
C CYS C 140 -19.86 23.36 19.17
N GLY C 141 -19.52 23.71 17.94
CA GLY C 141 -19.24 22.74 16.91
C GLY C 141 -19.69 23.25 15.55
N VAL C 142 -19.28 22.54 14.52
CA VAL C 142 -19.72 22.78 13.15
C VAL C 142 -20.39 21.53 12.63
N ASP C 143 -21.64 21.66 12.19
CA ASP C 143 -22.40 20.52 11.70
C ASP C 143 -23.16 20.90 10.44
N TYR C 144 -23.38 19.91 9.59
CA TYR C 144 -24.16 20.04 8.37
C TYR C 144 -25.56 19.53 8.62
N GLU C 145 -26.53 20.03 7.86
CA GLU C 145 -27.93 19.76 8.20
C GLU C 145 -28.78 19.82 6.94
N VAL C 146 -29.33 18.67 6.56
CA VAL C 146 -30.33 18.58 5.50
C VAL C 146 -31.70 18.81 6.13
N LYS C 147 -32.53 19.60 5.46
CA LYS C 147 -33.81 19.96 6.05
C LYS C 147 -34.83 20.19 4.95
N ALA C 148 -36.04 19.66 5.14
CA ALA C 148 -37.14 19.90 4.24
C ALA C 148 -38.33 20.43 5.02
N PHE C 149 -39.06 21.37 4.41
CA PHE C 149 -40.20 21.95 5.11
C PHE C 149 -41.25 22.39 4.10
N CYS C 150 -42.48 22.52 4.58
CA CYS C 150 -43.64 22.78 3.74
C CYS C 150 -44.23 24.15 4.07
N ALA C 151 -44.56 24.89 3.02
CA ALA C 151 -45.19 26.20 3.14
C ALA C 151 -45.60 26.66 1.75
N GLU C 152 -46.17 27.84 1.68
CA GLU C 152 -46.47 28.51 0.42
C GLU C 152 -45.44 29.56 0.05
N ASN C 153 -44.82 30.20 1.03
CA ASN C 153 -43.83 31.24 0.80
C ASN C 153 -42.68 31.04 1.76
N LEU C 154 -41.50 31.56 1.39
CA LEU C 154 -40.25 31.27 2.07
C LEU C 154 -39.98 32.20 3.25
N GLU C 155 -41.01 32.79 3.85
CA GLU C 155 -40.85 33.59 5.05
C GLU C 155 -41.87 33.31 6.14
N GLU C 156 -42.83 32.42 5.90
CA GLU C 156 -43.96 32.24 6.80
C GLU C 156 -43.54 31.48 8.06
N LYS C 157 -44.54 31.19 8.89
CA LYS C 157 -44.31 30.43 10.11
C LYS C 157 -44.07 28.96 9.80
N ILE C 158 -43.30 28.30 10.66
CA ILE C 158 -42.84 26.94 10.45
C ILE C 158 -43.53 26.04 11.46
N HIS C 159 -44.17 24.98 10.97
CA HIS C 159 -44.86 24.00 11.81
C HIS C 159 -43.97 22.77 11.95
N LYS C 160 -43.39 22.60 13.15
CA LYS C 160 -42.38 21.57 13.35
C LYS C 160 -42.90 20.19 13.02
N ARG C 161 -44.19 19.94 13.26
CA ARG C 161 -44.76 18.65 12.91
C ARG C 161 -44.76 18.39 11.41
N ASN C 162 -44.77 19.44 10.59
CA ASN C 162 -44.80 19.34 9.14
C ASN C 162 -43.43 19.65 8.54
N SER C 163 -42.36 19.30 9.26
CA SER C 163 -41.01 19.56 8.77
C SER C 163 -40.13 18.33 8.97
N VAL C 164 -38.83 18.49 8.71
CA VAL C 164 -37.85 17.42 8.94
C VAL C 164 -36.46 18.03 8.87
N ARG C 165 -35.53 17.47 9.65
CA ARG C 165 -34.14 17.90 9.59
C ARG C 165 -33.24 16.72 9.91
N LEU C 166 -32.18 16.56 9.14
CA LEU C 166 -31.23 15.47 9.32
C LEU C 166 -29.84 16.06 9.53
N VAL C 167 -28.90 15.20 9.91
CA VAL C 167 -27.51 15.60 10.12
C VAL C 167 -26.62 14.71 9.27
N ILE C 168 -25.69 15.33 8.54
CA ILE C 168 -24.72 14.61 7.74
C ILE C 168 -23.33 15.11 8.11
N ARG C 169 -22.32 14.30 7.82
CA ARG C 169 -20.95 14.59 8.23
C ARG C 169 -20.02 14.60 7.03
N LYS C 170 -19.09 15.55 7.03
CA LYS C 170 -18.11 15.68 5.95
C LYS C 170 -16.78 15.02 6.35
N VAL C 171 -16.83 13.70 6.49
CA VAL C 171 -15.64 12.94 6.83
C VAL C 171 -14.61 13.06 5.73
N GLN C 172 -13.33 12.88 6.09
CA GLN C 172 -12.23 13.06 5.15
C GLN C 172 -11.15 12.05 5.49
N TYR C 173 -10.87 11.14 4.56
CA TYR C 173 -10.09 9.95 4.84
C TYR C 173 -8.62 10.14 4.45
N ALA C 174 -7.79 9.25 4.99
CA ALA C 174 -6.35 9.28 4.79
C ALA C 174 -5.96 8.71 3.43
N PRO C 175 -4.84 9.16 2.87
CA PRO C 175 -4.38 8.64 1.58
C PRO C 175 -3.75 7.26 1.74
N GLU C 176 -3.39 6.66 0.61
CA GLU C 176 -2.83 5.32 0.62
C GLU C 176 -1.47 5.29 1.32
N ALA C 177 -1.19 4.18 1.98
CA ALA C 177 0.04 3.97 2.74
C ALA C 177 0.71 2.67 2.33
N ASP C 178 0.82 2.46 1.02
CA ASP C 178 1.48 1.26 0.52
C ASP C 178 2.95 1.24 0.92
N LEU C 179 3.64 2.38 0.82
CA LEU C 179 5.03 2.45 1.23
C LEU C 179 5.18 2.19 2.72
N GLU C 180 4.28 2.74 3.53
CA GLU C 180 4.33 2.51 4.97
C GLU C 180 4.12 1.03 5.29
N ASP C 181 3.18 0.38 4.60
CA ASP C 181 2.96 -1.05 4.81
C ASP C 181 4.19 -1.85 4.41
N ASN C 182 4.82 -1.49 3.29
CA ASN C 182 6.03 -2.19 2.85
C ASN C 182 7.14 -2.05 3.89
N TRP C 183 7.34 -0.84 4.42
CA TRP C 183 8.38 -0.64 5.41
C TRP C 183 8.05 -1.38 6.71
N GLU C 184 6.77 -1.44 7.08
CA GLU C 184 6.39 -2.18 8.27
C GLU C 184 6.70 -3.66 8.11
N THR C 185 6.41 -4.22 6.93
CA THR C 185 6.77 -5.60 6.66
C THR C 185 8.28 -5.79 6.75
N LEU C 186 9.04 -4.87 6.17
CA LEU C 186 10.50 -4.98 6.21
C LEU C 186 11.02 -4.98 7.63
N ASN C 187 10.49 -4.08 8.47
CA ASN C 187 10.97 -3.99 9.85
C ASN C 187 10.60 -5.23 10.65
N ASP C 188 9.36 -5.71 10.49
CA ASP C 188 8.96 -6.91 11.23
C ASP C 188 9.81 -8.11 10.83
N ASN C 189 10.06 -8.26 9.53
CA ASN C 189 10.86 -9.39 9.08
C ASN C 189 12.31 -9.26 9.52
N LEU C 190 12.85 -8.04 9.58
CA LEU C 190 14.19 -7.86 10.14
C LEU C 190 14.23 -8.26 11.61
N LYS C 191 13.19 -7.91 12.36
CA LYS C 191 13.13 -8.31 13.76
C LYS C 191 13.11 -9.82 13.92
N VAL C 192 12.26 -10.49 13.13
CA VAL C 192 12.17 -11.95 13.24
C VAL C 192 13.46 -12.60 12.75
N ILE C 193 14.17 -11.96 11.84
CA ILE C 193 15.52 -12.40 11.48
C ILE C 193 16.43 -12.32 12.70
N GLU C 194 16.36 -11.20 13.43
CA GLU C 194 17.24 -11.00 14.57
C GLU C 194 16.95 -12.01 15.68
N LYS C 195 15.70 -12.41 15.85
CA LYS C 195 15.32 -13.36 16.89
C LYS C 195 15.25 -14.80 16.40
N ALA C 196 15.73 -15.09 15.19
CA ALA C 196 15.52 -16.39 14.58
C ALA C 196 16.35 -17.47 15.29
N ASP C 197 16.08 -18.72 14.92
CA ASP C 197 16.76 -19.89 15.49
C ASP C 197 17.52 -20.68 14.44
N ASN C 198 16.87 -21.06 13.34
CA ASN C 198 17.48 -21.89 12.31
C ASN C 198 17.35 -21.20 10.95
N ALA C 199 17.68 -21.95 9.89
CA ALA C 199 17.79 -21.34 8.57
C ALA C 199 16.44 -21.06 7.94
N ALA C 200 15.42 -21.89 8.20
CA ALA C 200 14.15 -21.76 7.49
C ALA C 200 13.46 -20.44 7.80
N GLN C 201 13.42 -20.05 9.07
CA GLN C 201 12.78 -18.79 9.42
C GLN C 201 13.51 -17.61 8.79
N VAL C 202 14.84 -17.66 8.79
CA VAL C 202 15.64 -16.61 8.16
C VAL C 202 15.30 -16.51 6.69
N LYS C 203 15.23 -17.65 6.01
CA LYS C 203 14.95 -17.65 4.58
C LYS C 203 13.57 -17.07 4.30
N ASP C 204 12.57 -17.48 5.08
CA ASP C 204 11.22 -16.99 4.84
C ASP C 204 11.13 -15.48 5.07
N ALA C 205 11.76 -15.00 6.15
CA ALA C 205 11.74 -13.57 6.43
C ALA C 205 12.41 -12.80 5.31
N LEU C 206 13.57 -13.27 4.84
CA LEU C 206 14.28 -12.57 3.79
C LEU C 206 13.48 -12.54 2.49
N THR C 207 12.82 -13.65 2.16
CA THR C 207 11.97 -13.66 0.97
C THR C 207 10.86 -12.62 1.09
N LYS C 208 10.21 -12.57 2.25
CA LYS C 208 9.14 -11.60 2.44
C LYS C 208 9.64 -10.18 2.29
N MET C 209 10.78 -9.86 2.88
CA MET C 209 11.24 -8.47 2.80
C MET C 209 11.78 -8.15 1.41
N ARG C 210 12.31 -9.14 0.69
CA ARG C 210 12.73 -8.89 -0.68
C ARG C 210 11.54 -8.51 -1.56
N ALA C 211 10.43 -9.25 -1.40
CA ALA C 211 9.21 -8.89 -2.13
C ALA C 211 8.73 -7.50 -1.73
N ALA C 212 8.75 -7.21 -0.44
CA ALA C 212 8.29 -5.89 0.02
C ALA C 212 9.16 -4.77 -0.55
N ALA C 213 10.47 -4.95 -0.55
CA ALA C 213 11.37 -3.92 -1.05
C ALA C 213 11.17 -3.68 -2.54
N LEU C 214 11.05 -4.75 -3.31
CA LEU C 214 10.81 -4.57 -4.74
C LEU C 214 9.50 -3.84 -4.98
N ASP C 215 8.45 -4.18 -4.22
CA ASP C 215 7.19 -3.46 -4.34
C ASP C 215 7.37 -1.99 -4.00
N ALA C 216 8.10 -1.71 -2.91
CA ALA C 216 8.23 -0.34 -2.44
C ALA C 216 9.01 0.54 -3.40
N GLN C 217 10.00 -0.04 -4.09
CA GLN C 217 10.79 0.76 -5.02
C GLN C 217 9.94 1.42 -6.10
N LYS C 218 8.82 0.79 -6.48
CA LYS C 218 7.96 1.37 -7.49
C LYS C 218 7.29 2.65 -7.00
N ALA C 219 6.84 2.66 -5.75
CA ALA C 219 6.02 3.75 -5.25
C ALA C 219 6.80 5.05 -5.14
N THR C 220 6.05 6.16 -5.08
CA THR C 220 6.63 7.49 -4.99
C THR C 220 6.39 8.08 -3.61
N PRO C 221 7.40 8.71 -3.01
CA PRO C 221 7.25 9.28 -1.67
C PRO C 221 6.40 10.54 -1.71
N PRO C 222 5.73 10.87 -0.61
CA PRO C 222 4.85 12.05 -0.61
C PRO C 222 5.59 13.36 -0.81
N LYS C 223 6.90 13.41 -0.58
CA LYS C 223 7.64 14.66 -0.65
C LYS C 223 8.08 15.02 -2.06
N LEU C 224 7.81 14.17 -3.05
CA LEU C 224 8.24 14.42 -4.42
C LEU C 224 7.06 14.30 -5.39
N GLU C 225 5.85 14.52 -4.91
CA GLU C 225 4.68 14.40 -5.78
C GLU C 225 4.73 15.39 -6.93
N ASP C 226 5.10 16.64 -6.65
CA ASP C 226 5.21 17.65 -7.70
C ASP C 226 6.48 17.48 -8.53
N LYS C 227 7.46 16.74 -8.05
CA LYS C 227 8.65 16.48 -8.84
C LYS C 227 8.35 15.49 -9.96
N SER C 228 9.12 15.58 -11.03
CA SER C 228 8.89 14.78 -12.22
C SER C 228 9.39 13.36 -12.05
N PRO C 229 8.85 12.42 -12.83
CA PRO C 229 9.36 11.04 -12.81
C PRO C 229 10.85 10.94 -13.03
N ASP C 230 11.43 11.79 -13.88
CA ASP C 230 12.84 11.73 -14.20
C ASP C 230 13.68 12.70 -13.36
N SER C 231 13.10 13.27 -12.31
CA SER C 231 13.85 14.18 -11.45
C SER C 231 14.98 13.44 -10.75
N PRO C 232 16.10 14.12 -10.49
CA PRO C 232 17.21 13.45 -9.79
C PRO C 232 16.85 12.98 -8.40
N GLU C 233 15.89 13.62 -7.74
CA GLU C 233 15.45 13.15 -6.43
C GLU C 233 14.88 11.73 -6.54
N MET C 234 14.06 11.49 -7.56
CA MET C 234 13.53 10.14 -7.77
C MET C 234 14.64 9.15 -8.08
N LYS C 235 15.67 9.59 -8.80
CA LYS C 235 16.78 8.69 -9.12
C LYS C 235 17.52 8.28 -7.85
N ASP C 236 17.79 9.23 -6.95
CA ASP C 236 18.43 8.88 -5.69
C ASP C 236 17.52 8.00 -4.84
N PHE C 237 16.22 8.28 -4.84
CA PHE C 237 15.27 7.47 -4.10
C PHE C 237 15.29 6.02 -4.57
N ARG C 238 15.34 5.81 -5.89
CA ARG C 238 15.39 4.45 -6.41
C ARG C 238 16.76 3.82 -6.18
N HIS C 239 17.83 4.61 -6.18
CA HIS C 239 19.16 4.06 -5.93
C HIS C 239 19.25 3.51 -4.51
N GLY C 240 18.63 4.20 -3.55
CA GLY C 240 18.64 3.68 -2.19
C GLY C 240 18.05 2.30 -2.09
N PHE C 241 16.90 2.09 -2.76
CA PHE C 241 16.26 0.78 -2.68
C PHE C 241 17.00 -0.27 -3.51
N ASP C 242 17.69 0.16 -4.57
CA ASP C 242 18.59 -0.76 -5.27
C ASP C 242 19.65 -1.30 -4.32
N ILE C 243 20.28 -0.41 -3.56
CA ILE C 243 21.29 -0.82 -2.59
C ILE C 243 20.69 -1.74 -1.54
N LEU C 244 19.48 -1.40 -1.08
CA LEU C 244 18.83 -2.22 -0.05
C LEU C 244 18.55 -3.63 -0.56
N VAL C 245 18.05 -3.74 -1.80
CA VAL C 245 17.79 -5.06 -2.37
C VAL C 245 19.08 -5.83 -2.55
N GLY C 246 20.17 -5.14 -2.90
CA GLY C 246 21.46 -5.81 -2.97
C GLY C 246 21.92 -6.38 -1.64
N GLN C 247 21.75 -5.60 -0.57
CA GLN C 247 22.12 -6.10 0.75
C GLN C 247 21.25 -7.28 1.18
N ILE C 248 19.95 -7.22 0.91
CA ILE C 248 19.08 -8.35 1.19
C ILE C 248 19.51 -9.57 0.39
N ASP C 249 19.95 -9.36 -0.86
CA ASP C 249 20.41 -10.46 -1.69
C ASP C 249 21.66 -11.11 -1.10
N ASP C 250 22.60 -10.29 -0.61
CA ASP C 250 23.80 -10.84 0.02
C ASP C 250 23.44 -11.66 1.25
N ALA C 251 22.53 -11.14 2.08
CA ALA C 251 22.11 -11.88 3.26
C ALA C 251 21.43 -13.19 2.89
N LEU C 252 20.58 -13.16 1.88
CA LEU C 252 19.90 -14.37 1.42
C LEU C 252 20.90 -15.38 0.89
N LYS C 253 21.91 -14.92 0.17
CA LYS C 253 22.95 -15.82 -0.34
C LYS C 253 23.67 -16.50 0.80
N LEU C 254 24.09 -15.73 1.81
CA LEU C 254 24.76 -16.32 2.96
C LEU C 254 23.87 -17.31 3.69
N ALA C 255 22.58 -16.98 3.85
CA ALA C 255 21.66 -17.88 4.51
C ALA C 255 21.46 -19.17 3.73
N ASN C 256 21.29 -19.07 2.42
CA ASN C 256 21.11 -20.27 1.60
C ASN C 256 22.36 -21.13 1.61
N GLU C 257 23.54 -20.53 1.74
CA GLU C 257 24.76 -21.33 1.84
C GLU C 257 24.71 -22.24 3.06
N GLY C 258 24.23 -21.72 4.19
CA GLY C 258 24.09 -22.52 5.38
C GLY C 258 24.39 -21.76 6.66
N LYS C 259 25.15 -20.69 6.55
CA LYS C 259 25.57 -19.92 7.72
C LYS C 259 24.40 -19.07 8.21
N VAL C 260 23.91 -19.39 9.40
CA VAL C 260 22.80 -18.63 9.97
C VAL C 260 23.31 -17.37 10.65
N LYS C 261 24.32 -17.51 11.52
CA LYS C 261 24.86 -16.37 12.23
C LYS C 261 25.46 -15.35 11.27
N GLU C 262 26.18 -15.83 10.26
CA GLU C 262 26.72 -14.90 9.27
C GLU C 262 25.61 -14.22 8.48
N ALA C 263 24.51 -14.94 8.22
CA ALA C 263 23.37 -14.32 7.57
C ALA C 263 22.80 -13.19 8.41
N GLN C 264 22.70 -13.40 9.71
CA GLN C 264 22.25 -12.33 10.61
C GLN C 264 23.23 -11.16 10.60
N ALA C 265 24.53 -11.45 10.65
CA ALA C 265 25.53 -10.38 10.65
C ALA C 265 25.43 -9.55 9.38
N ALA C 266 25.21 -10.21 8.23
CA ALA C 266 24.99 -9.50 6.98
C ALA C 266 23.65 -8.76 6.96
N ALA C 267 22.65 -9.26 7.68
CA ALA C 267 21.35 -8.59 7.71
C ALA C 267 21.38 -7.33 8.56
N GLU C 268 22.27 -7.29 9.56
CA GLU C 268 22.35 -6.08 10.37
C GLU C 268 22.72 -4.84 9.55
N GLN C 269 23.32 -5.01 8.37
CA GLN C 269 23.73 -3.87 7.57
C GLN C 269 22.55 -3.06 7.03
N LEU C 270 21.33 -3.62 7.09
CA LEU C 270 20.15 -2.90 6.62
C LEU C 270 19.80 -1.71 7.50
N LYS C 271 20.28 -1.68 8.75
CA LYS C 271 19.97 -0.57 9.62
C LYS C 271 20.58 0.73 9.10
N THR C 272 21.73 0.66 8.45
CA THR C 272 22.35 1.87 7.91
C THR C 272 21.49 2.50 6.83
N THR C 273 20.96 1.68 5.91
CA THR C 273 20.12 2.25 4.85
C THR C 273 18.76 2.67 5.41
N ARG C 274 18.28 2.00 6.44
CA ARG C 274 17.06 2.48 7.10
C ARG C 274 17.30 3.86 7.70
N ASN C 275 18.45 4.07 8.35
CA ASN C 275 18.77 5.38 8.91
C ASN C 275 18.91 6.43 7.82
N ALA C 276 19.54 6.05 6.70
CA ALA C 276 19.67 6.97 5.58
C ALA C 276 18.31 7.38 5.05
N TYR C 277 17.37 6.44 4.97
CA TYR C 277 16.02 6.79 4.52
C TYR C 277 15.31 7.69 5.52
N ILE C 278 15.50 7.42 6.82
CA ILE C 278 14.83 8.22 7.83
C ILE C 278 15.28 9.67 7.75
N GLN C 279 16.60 9.89 7.76
CA GLN C 279 17.13 11.25 7.80
C GLN C 279 16.70 12.08 6.60
N LYS C 280 16.29 11.44 5.51
CA LYS C 280 15.96 12.14 4.28
C LYS C 280 14.46 12.27 4.04
N TYR C 281 13.64 11.34 4.55
CA TYR C 281 12.23 11.34 4.20
C TYR C 281 11.27 11.31 5.37
N LEU C 282 11.74 11.21 6.61
CA LEU C 282 10.83 11.07 7.73
C LEU C 282 10.90 12.29 8.65
N PRO C 283 9.85 12.55 9.43
CA PRO C 283 9.88 13.67 10.36
C PRO C 283 11.06 13.56 11.33
N THR C 284 11.79 14.67 11.49
CA THR C 284 13.01 14.66 12.27
C THR C 284 13.23 16.06 12.85
N ALA C 285 13.85 16.10 14.02
CA ALA C 285 14.14 17.36 14.68
C ALA C 285 15.45 17.24 15.44
N GLU C 286 16.12 18.37 15.61
CA GLU C 286 17.41 18.41 16.28
C GLU C 286 17.63 19.79 16.90
N THR C 287 18.03 19.80 18.17
CA THR C 287 18.43 21.02 18.86
C THR C 287 19.77 20.79 19.53
N THR C 288 20.37 21.88 20.02
CA THR C 288 21.69 21.77 20.64
C THR C 288 21.87 22.95 21.58
N ARG C 289 22.16 22.64 22.85
CA ARG C 289 22.45 23.65 23.86
C ARG C 289 23.77 23.33 24.53
N GLN C 290 24.58 24.36 24.75
CA GLN C 290 25.84 24.25 25.49
C GLN C 290 25.80 25.25 26.64
N PHE C 291 25.75 24.76 27.87
CA PHE C 291 25.67 25.65 29.01
C PHE C 291 27.02 26.31 29.27
N LEU C 292 27.00 27.34 30.10
CA LEU C 292 28.23 27.86 30.66
C LEU C 292 28.78 26.86 31.66
N MET C 293 30.04 27.04 32.03
CA MET C 293 30.79 26.05 32.82
C MET C 293 30.77 24.69 32.14
N SER C 294 30.87 24.69 30.82
CA SER C 294 30.91 23.46 30.03
C SER C 294 31.71 23.73 28.76
N ASP C 295 32.14 22.66 28.11
CA ASP C 295 33.00 22.77 26.95
C ASP C 295 32.41 22.23 25.66
N LYS C 296 31.53 21.24 25.72
CA LYS C 296 30.98 20.63 24.52
C LYS C 296 29.47 20.54 24.62
N PRO C 297 28.76 20.56 23.49
CA PRO C 297 27.31 20.74 23.52
C PRO C 297 26.55 19.46 23.88
N LEU C 298 25.30 19.67 24.28
CA LEU C 298 24.33 18.59 24.49
C LEU C 298 23.45 18.48 23.24
N HIS C 299 23.31 17.27 22.73
CA HIS C 299 22.66 17.03 21.45
C HIS C 299 21.48 16.09 21.66
N LEU C 300 20.33 16.46 21.11
CA LEU C 300 19.12 15.67 21.22
C LEU C 300 18.46 15.57 19.85
N GLU C 301 18.12 14.35 19.44
CA GLU C 301 17.57 14.11 18.12
C GLU C 301 16.47 13.06 18.21
N ALA C 302 15.32 13.36 17.62
CA ALA C 302 14.17 12.45 17.64
C ALA C 302 13.62 12.30 16.23
N SER C 303 12.85 11.23 16.03
CA SER C 303 12.24 11.01 14.72
C SER C 303 11.11 9.99 14.85
N LEU C 304 9.99 10.27 14.18
CA LEU C 304 8.89 9.34 14.08
C LEU C 304 9.07 8.46 12.85
N ASP C 305 8.57 7.23 12.94
CA ASP C 305 8.75 6.26 11.88
C ASP C 305 7.75 6.41 10.74
N LYS C 306 6.66 7.15 10.93
CA LYS C 306 5.66 7.33 9.89
C LYS C 306 5.12 8.75 9.94
N GLU C 307 4.62 9.22 8.81
CA GLU C 307 4.00 10.53 8.76
C GLU C 307 2.50 10.49 8.99
N ILE C 308 1.86 9.34 8.81
CA ILE C 308 0.42 9.18 8.96
C ILE C 308 0.15 8.07 9.96
N TYR C 309 -0.72 8.33 10.93
CA TYR C 309 -1.09 7.36 11.93
C TYR C 309 -2.61 7.32 12.03
N TYR C 310 -3.14 6.12 12.27
CA TYR C 310 -4.58 5.90 12.35
C TYR C 310 -5.03 5.95 13.80
N HIS C 311 -6.32 6.26 13.99
CA HIS C 311 -6.86 6.38 15.33
C HIS C 311 -6.74 5.05 16.07
N GLY C 312 -5.88 5.01 17.09
CA GLY C 312 -5.67 3.83 17.90
C GLY C 312 -4.36 3.12 17.63
N GLU C 313 -3.80 3.28 16.43
CA GLU C 313 -2.51 2.69 16.13
C GLU C 313 -1.42 3.38 16.96
N PRO C 314 -0.51 2.61 17.56
CA PRO C 314 0.52 3.22 18.39
C PRO C 314 1.45 4.13 17.60
N ILE C 315 2.00 5.14 18.28
CA ILE C 315 2.91 6.10 17.69
C ILE C 315 4.27 5.92 18.36
N SER C 316 5.28 5.62 17.57
CA SER C 316 6.61 5.28 18.07
C SER C 316 7.57 6.44 17.83
N VAL C 317 8.30 6.83 18.86
CA VAL C 317 9.21 7.97 18.81
C VAL C 317 10.61 7.48 19.09
N ASN C 318 11.52 7.67 18.14
CA ASN C 318 12.93 7.46 18.38
C ASN C 318 13.53 8.63 19.15
N VAL C 319 14.53 8.35 19.97
CA VAL C 319 15.20 9.37 20.75
C VAL C 319 16.68 9.04 20.82
N HIS C 320 17.52 10.06 20.67
CA HIS C 320 18.97 9.89 20.73
C HIS C 320 19.56 11.04 21.53
N VAL C 321 20.40 10.72 22.50
CA VAL C 321 21.04 11.71 23.35
C VAL C 321 22.53 11.44 23.38
N THR C 322 23.32 12.42 22.94
CA THR C 322 24.78 12.36 23.00
C THR C 322 25.23 13.53 23.87
N ASN C 323 25.28 13.31 25.18
CA ASN C 323 25.67 14.36 26.12
C ASN C 323 27.17 14.50 26.09
N ASN C 324 27.64 15.75 26.20
CA ASN C 324 29.06 16.02 26.33
C ASN C 324 29.34 17.12 27.35
N THR C 325 28.44 17.32 28.30
CA THR C 325 28.62 18.31 29.35
C THR C 325 28.87 17.61 30.68
N ASN C 326 28.96 18.39 31.75
CA ASN C 326 29.20 17.87 33.08
C ASN C 326 27.94 17.64 33.88
N LYS C 327 26.77 17.86 33.29
CA LYS C 327 25.50 17.63 33.97
C LYS C 327 24.92 16.27 33.56
N THR C 328 23.88 15.85 34.27
CA THR C 328 23.26 14.55 34.06
C THR C 328 21.78 14.71 33.75
N VAL C 329 21.27 13.90 32.83
CA VAL C 329 19.86 13.95 32.47
C VAL C 329 19.07 13.03 33.39
N LYS C 330 18.01 13.56 33.98
CA LYS C 330 17.25 12.86 35.01
C LYS C 330 16.13 12.01 34.42
N LYS C 331 15.34 12.55 33.50
CA LYS C 331 14.26 11.77 32.90
C LYS C 331 13.95 12.32 31.51
N ILE C 332 13.20 11.53 30.75
CA ILE C 332 12.76 11.89 29.40
C ILE C 332 11.24 11.85 29.36
N LYS C 333 10.64 12.89 28.79
CA LYS C 333 9.19 13.01 28.69
C LYS C 333 8.79 13.00 27.23
N ILE C 334 7.86 12.11 26.88
CA ILE C 334 7.33 12.00 25.53
C ILE C 334 5.84 12.30 25.57
N SER C 335 5.39 13.19 24.71
CA SER C 335 4.02 13.65 24.75
C SER C 335 3.48 13.88 23.34
N VAL C 336 2.17 13.77 23.21
CA VAL C 336 1.46 14.05 21.97
C VAL C 336 0.46 15.16 22.25
N ARG C 337 0.56 16.24 21.48
CA ARG C 337 -0.20 17.46 21.72
C ARG C 337 -1.12 17.74 20.55
N GLN C 338 -2.27 18.34 20.85
CA GLN C 338 -3.26 18.72 19.85
C GLN C 338 -3.27 20.23 19.71
N TYR C 339 -3.13 20.70 18.47
CA TYR C 339 -3.17 22.12 18.16
C TYR C 339 -4.44 22.41 17.36
N ALA C 340 -5.33 23.22 17.94
CA ALA C 340 -6.65 23.49 17.36
C ALA C 340 -6.88 24.98 17.35
N ASP C 341 -6.62 25.62 16.21
CA ASP C 341 -6.86 27.05 16.06
C ASP C 341 -8.20 27.27 15.37
N ILE C 342 -8.97 28.22 15.88
CA ILE C 342 -10.35 28.45 15.46
C ILE C 342 -10.31 29.56 14.42
N CYS C 343 -10.47 29.17 13.15
CA CYS C 343 -10.36 30.11 12.05
C CYS C 343 -11.64 30.93 11.87
N LEU C 344 -12.05 31.62 12.93
CA LEU C 344 -13.07 32.64 12.84
C LEU C 344 -12.39 34.01 12.80
N PHE C 345 -13.18 35.08 12.84
CA PHE C 345 -12.61 36.41 12.93
C PHE C 345 -11.89 36.64 14.25
N ASN C 346 -12.20 35.85 15.28
CA ASN C 346 -11.56 35.98 16.58
C ASN C 346 -10.21 35.28 16.66
N THR C 347 -9.90 34.43 15.68
CA THR C 347 -8.61 33.72 15.54
C THR C 347 -8.04 33.28 16.88
N ALA C 348 -8.89 32.67 17.70
CA ALA C 348 -8.45 32.10 18.96
C ALA C 348 -7.58 30.87 18.71
N GLN C 349 -6.52 30.74 19.50
CA GLN C 349 -5.60 29.62 19.40
C GLN C 349 -5.39 29.00 20.77
N TYR C 350 -5.26 27.68 20.80
CA TYR C 350 -5.05 26.95 22.05
C TYR C 350 -4.57 25.54 21.74
N LYS C 351 -4.15 24.83 22.78
CA LYS C 351 -3.66 23.46 22.64
C LYS C 351 -3.96 22.67 23.90
N CYS C 352 -3.95 21.33 23.78
CA CYS C 352 -4.17 20.45 24.91
C CYS C 352 -3.46 19.12 24.71
N PRO C 353 -2.73 18.65 25.71
CA PRO C 353 -2.07 17.34 25.60
C PRO C 353 -3.06 16.19 25.61
N VAL C 354 -2.64 15.08 25.02
CA VAL C 354 -3.49 13.91 24.81
C VAL C 354 -2.88 12.65 25.41
N ALA C 355 -1.62 12.36 25.07
CA ALA C 355 -0.90 11.22 25.60
C ALA C 355 0.41 11.68 26.21
N MET C 356 0.91 10.89 27.16
CA MET C 356 2.11 11.29 27.88
C MET C 356 2.83 10.08 28.43
N GLU C 357 4.16 10.08 28.32
CA GLU C 357 5.02 9.06 28.90
C GLU C 357 6.08 9.73 29.75
N GLU C 358 6.44 9.09 30.87
CA GLU C 358 7.29 9.70 31.89
C GLU C 358 8.38 8.72 32.34
N ALA C 359 9.09 8.16 31.37
CA ALA C 359 10.16 7.21 31.68
C ALA C 359 11.26 7.88 32.48
N ASP C 360 11.89 7.08 33.35
CA ASP C 360 12.90 7.56 34.30
C ASP C 360 14.32 7.22 33.85
N ASP C 361 14.59 7.27 32.56
CA ASP C 361 15.90 6.95 32.05
C ASP C 361 16.90 8.06 32.39
N THR C 362 18.17 7.67 32.52
CA THR C 362 19.23 8.60 32.88
C THR C 362 20.36 8.52 31.87
N VAL C 363 20.97 9.68 31.61
CA VAL C 363 22.10 9.79 30.69
C VAL C 363 23.30 10.32 31.46
N ALA C 364 24.36 9.53 31.51
CA ALA C 364 25.56 9.91 32.24
C ALA C 364 26.33 10.97 31.48
N PRO C 365 27.20 11.71 32.18
CA PRO C 365 28.08 12.66 31.47
C PRO C 365 28.97 11.94 30.47
N SER C 366 29.16 12.57 29.31
CA SER C 366 30.00 12.04 28.24
C SER C 366 29.55 10.64 27.84
N SER C 367 28.25 10.46 27.65
CA SER C 367 27.68 9.16 27.36
C SER C 367 26.65 9.29 26.24
N THR C 368 26.06 8.16 25.87
CA THR C 368 25.09 8.09 24.80
C THR C 368 23.90 7.23 25.23
N PHE C 369 22.72 7.60 24.75
CA PHE C 369 21.48 6.90 25.08
C PHE C 369 20.63 6.80 23.82
N CYS C 370 19.84 5.73 23.73
CA CYS C 370 18.98 5.53 22.58
C CYS C 370 17.89 4.52 22.93
N LYS C 371 16.64 4.88 22.66
CA LYS C 371 15.54 3.96 22.85
C LYS C 371 14.36 4.43 22.00
N VAL C 372 13.37 3.56 21.86
CA VAL C 372 12.16 3.86 21.09
C VAL C 372 10.99 3.86 22.05
N TYR C 373 10.24 4.95 22.07
CA TYR C 373 9.10 5.14 22.95
C TYR C 373 7.83 5.14 22.13
N THR C 374 6.88 4.29 22.50
CA THR C 374 5.65 4.11 21.74
C THR C 374 4.46 4.45 22.63
N LEU C 375 3.64 5.41 22.19
CA LEU C 375 2.47 5.83 22.94
C LEU C 375 1.26 5.91 22.00
N THR C 376 0.09 5.64 22.55
CA THR C 376 -1.15 5.59 21.79
C THR C 376 -2.11 6.68 22.27
N PRO C 377 -2.45 7.65 21.43
CA PRO C 377 -3.41 8.68 21.86
C PRO C 377 -4.85 8.26 21.61
N PHE C 378 -5.67 8.24 22.66
CA PHE C 378 -7.09 7.93 22.51
C PHE C 378 -7.87 8.51 23.67
N LEU C 379 -9.19 8.56 23.50
CA LEU C 379 -10.07 9.44 24.26
C LEU C 379 -10.42 8.94 25.65
N ALA C 380 -10.13 7.68 25.98
CA ALA C 380 -10.61 7.11 27.24
C ALA C 380 -10.09 7.90 28.44
N ASN C 381 -8.81 8.27 28.41
CA ASN C 381 -8.21 9.03 29.50
C ASN C 381 -8.45 10.53 29.38
N ASN C 382 -9.08 10.99 28.29
CA ASN C 382 -9.23 12.40 28.01
C ASN C 382 -10.69 12.84 28.06
N ARG C 383 -11.50 12.19 28.91
CA ARG C 383 -12.90 12.55 29.01
C ARG C 383 -13.10 13.88 29.74
N GLU C 384 -12.14 14.31 30.55
CA GLU C 384 -12.26 15.52 31.35
C GLU C 384 -11.61 16.73 30.70
N LYS C 385 -11.02 16.59 29.51
CA LYS C 385 -10.37 17.72 28.86
C LYS C 385 -11.40 18.77 28.49
N ARG C 386 -11.02 20.04 28.60
CA ARG C 386 -11.98 21.12 28.55
C ARG C 386 -12.29 21.59 27.13
N GLY C 387 -11.34 21.52 26.21
CA GLY C 387 -11.57 22.02 24.87
C GLY C 387 -11.00 21.13 23.78
N LEU C 388 -10.80 19.86 24.10
CA LEU C 388 -10.22 18.93 23.15
C LEU C 388 -11.15 18.74 21.96
N ALA C 389 -10.56 18.63 20.77
CA ALA C 389 -11.33 18.57 19.54
C ALA C 389 -11.79 17.15 19.27
N LEU C 390 -13.09 16.98 19.05
CA LEU C 390 -13.70 15.69 18.78
C LEU C 390 -14.14 15.62 17.32
N ASP C 391 -14.51 14.41 16.89
CA ASP C 391 -14.81 14.17 15.48
C ASP C 391 -16.21 14.63 15.12
N GLY C 392 -17.23 14.05 15.74
CA GLY C 392 -18.60 14.43 15.47
C GLY C 392 -19.62 13.36 15.83
N ASP C 398 -19.29 7.20 20.52
CA ASP C 398 -18.20 6.54 19.81
C ASP C 398 -17.29 7.56 19.15
N THR C 399 -17.45 8.82 19.52
CA THR C 399 -16.63 9.89 18.96
C THR C 399 -15.18 9.74 19.40
N ASN C 400 -14.27 10.17 18.52
CA ASN C 400 -12.84 10.11 18.78
C ASN C 400 -12.23 11.48 18.54
N LEU C 401 -10.92 11.57 18.75
CA LEU C 401 -10.21 12.83 18.56
C LEU C 401 -10.25 13.26 17.09
N ALA C 402 -10.31 14.56 16.86
CA ALA C 402 -10.48 15.09 15.52
C ALA C 402 -9.30 14.72 14.63
N SER C 403 -9.59 14.22 13.45
CA SER C 403 -8.55 13.91 12.48
C SER C 403 -7.90 15.20 11.98
N SER C 404 -6.60 15.14 11.70
CA SER C 404 -5.86 16.32 11.32
C SER C 404 -6.41 16.91 10.03
N THR C 405 -6.49 18.23 9.99
CA THR C 405 -7.03 18.91 8.82
C THR C 405 -6.00 18.96 7.71
N LEU C 406 -6.42 18.61 6.49
CA LEU C 406 -5.56 18.74 5.33
C LEU C 406 -5.42 20.20 4.93
N LEU C 407 -4.20 20.56 4.51
CA LEU C 407 -3.87 21.96 4.27
C LEU C 407 -4.69 22.54 3.13
N ARG C 408 -4.91 23.86 3.18
CA ARG C 408 -5.65 24.54 2.15
C ARG C 408 -4.86 24.60 0.86
N GLU C 409 -5.56 24.47 -0.27
CA GLU C 409 -4.94 24.58 -1.59
C GLU C 409 -5.14 25.99 -2.15
N GLY C 410 -4.55 26.95 -1.46
CA GLY C 410 -4.67 28.34 -1.83
C GLY C 410 -5.90 29.05 -1.28
N ALA C 411 -6.77 28.34 -0.58
CA ALA C 411 -7.96 28.96 -0.01
C ALA C 411 -7.57 29.85 1.18
N ASN C 412 -8.45 30.81 1.47
CA ASN C 412 -8.21 31.73 2.57
C ASN C 412 -8.32 30.99 3.90
N ARG C 413 -7.35 31.21 4.79
CA ARG C 413 -7.37 30.57 6.10
C ARG C 413 -8.26 31.29 7.11
N GLU C 414 -8.69 32.51 6.79
CA GLU C 414 -9.46 33.31 7.74
C GLU C 414 -10.88 32.79 7.94
N ILE C 415 -11.41 32.05 6.98
CA ILE C 415 -12.80 31.60 7.02
C ILE C 415 -12.91 30.08 7.00
N LEU C 416 -11.84 29.38 7.38
CA LEU C 416 -11.86 27.91 7.32
C LEU C 416 -12.79 27.32 8.37
N GLY C 417 -12.66 27.77 9.62
CA GLY C 417 -13.40 27.15 10.70
C GLY C 417 -12.49 26.63 11.79
N ILE C 418 -12.38 25.32 11.93
CA ILE C 418 -11.50 24.70 12.92
C ILE C 418 -10.45 23.88 12.20
N ILE C 419 -9.18 24.28 12.36
CA ILE C 419 -8.05 23.54 11.80
C ILE C 419 -7.33 22.87 12.95
N VAL C 420 -7.29 21.53 12.94
CA VAL C 420 -6.66 20.77 14.02
C VAL C 420 -5.43 20.06 13.47
N SER C 421 -4.35 20.08 14.23
CA SER C 421 -3.10 19.42 13.87
C SER C 421 -2.48 18.84 15.12
N TYR C 422 -1.50 17.95 14.92
CA TYR C 422 -0.90 17.21 16.03
C TYR C 422 0.61 17.32 15.99
N LYS C 423 1.22 17.46 17.17
CA LYS C 423 2.66 17.51 17.30
C LYS C 423 3.11 16.60 18.45
N VAL C 424 4.35 16.16 18.38
CA VAL C 424 4.94 15.26 19.38
C VAL C 424 6.17 15.95 19.98
N LYS C 425 6.31 15.86 21.30
CA LYS C 425 7.38 16.56 22.01
C LYS C 425 8.18 15.61 22.87
N VAL C 426 9.51 15.72 22.79
CA VAL C 426 10.44 14.94 23.60
C VAL C 426 11.29 15.91 24.39
N LYS C 427 11.16 15.90 25.72
CA LYS C 427 11.84 16.85 26.58
C LYS C 427 12.71 16.13 27.59
N LEU C 428 13.92 16.64 27.78
CA LEU C 428 14.85 16.12 28.77
C LEU C 428 14.85 17.02 30.00
N VAL C 429 15.14 16.43 31.15
CA VAL C 429 15.20 17.13 32.42
C VAL C 429 16.61 16.97 32.98
N VAL C 430 17.21 18.09 33.40
CA VAL C 430 18.61 18.13 33.79
C VAL C 430 18.74 18.67 35.20
N SER C 431 19.57 18.02 36.01
CA SER C 431 19.79 18.41 37.40
C SER C 431 20.64 19.66 37.49
N ARG C 432 20.65 20.25 38.69
CA ARG C 432 21.38 21.48 38.99
C ARG C 432 20.93 22.63 38.07
N GLY C 433 19.65 22.97 38.19
CA GLY C 433 19.06 24.02 37.38
C GLY C 433 19.29 25.43 37.87
N SER C 442 15.29 26.86 31.18
CA SER C 442 14.36 26.03 30.43
C SER C 442 15.05 24.74 30.02
N ASP C 443 14.24 23.73 29.72
CA ASP C 443 14.74 22.42 29.34
C ASP C 443 15.05 22.40 27.85
N VAL C 444 15.28 21.21 27.30
CA VAL C 444 15.56 21.03 25.88
C VAL C 444 14.54 20.04 25.33
N ALA C 445 13.92 20.40 24.21
CA ALA C 445 12.87 19.57 23.63
C ALA C 445 12.76 19.84 22.14
N VAL C 446 12.11 18.91 21.43
CA VAL C 446 11.94 18.98 19.99
C VAL C 446 10.50 18.65 19.64
N GLU C 447 10.08 19.08 18.45
CA GLU C 447 8.74 18.86 17.94
C GLU C 447 8.81 18.00 16.68
N LEU C 448 7.83 17.13 16.52
CA LEU C 448 7.75 16.24 15.35
C LEU C 448 6.31 16.18 14.87
N PRO C 449 5.96 17.03 13.91
CA PRO C 449 4.57 17.03 13.42
C PRO C 449 4.19 15.71 12.77
N PHE C 450 2.94 15.31 12.94
CA PHE C 450 2.44 14.08 12.36
C PHE C 450 0.97 14.23 12.01
N THR C 451 0.46 13.26 11.26
CA THR C 451 -0.90 13.27 10.74
C THR C 451 -1.70 12.13 11.36
N LEU C 452 -2.83 12.46 11.97
CA LEU C 452 -3.72 11.49 12.59
C LEU C 452 -5.03 11.48 11.83
N MET C 453 -5.34 10.37 11.15
CA MET C 453 -6.55 10.35 10.28
C MET C 453 -7.26 9.00 10.33
N HIS C 454 -8.28 8.82 9.48
CA HIS C 454 -9.04 7.54 9.43
C HIS C 454 -8.79 6.88 8.06
N PRO C 455 -8.72 5.53 7.98
CA PRO C 455 -8.42 4.85 6.71
C PRO C 455 -9.64 4.71 5.81
N LYS C 456 -9.40 4.85 4.52
CA LYS C 456 -10.47 4.73 3.54
C LYS C 456 -10.92 3.27 3.45
N PRO C 457 -12.20 2.97 3.69
CA PRO C 457 -12.69 1.59 3.65
C PRO C 457 -12.65 0.99 2.25
N ASP C 486 -32.97 -5.42 -4.35
CA ASP C 486 -34.03 -4.83 -3.55
C ASP C 486 -33.46 -3.92 -2.46
N ILE C 487 -34.31 -3.08 -1.89
CA ILE C 487 -33.90 -2.11 -0.89
C ILE C 487 -34.92 -2.05 0.23
N VAL C 488 -34.45 -2.02 1.47
CA VAL C 488 -35.30 -1.92 2.65
C VAL C 488 -34.91 -0.67 3.42
N PHE C 489 -35.90 0.16 3.73
CA PHE C 489 -35.64 1.41 4.44
C PHE C 489 -35.29 1.13 5.90
N GLU C 490 -34.22 1.75 6.37
CA GLU C 490 -33.77 1.62 7.74
C GLU C 490 -33.67 3.01 8.37
N ASP C 491 -34.03 3.10 9.65
CA ASP C 491 -34.04 4.39 10.33
C ASP C 491 -32.65 4.98 10.37
N PHE C 492 -32.55 6.28 10.06
CA PHE C 492 -31.26 6.96 10.03
C PHE C 492 -30.67 7.17 11.42
O3 ODN D . -6.77 24.74 32.24
C17 ODN D . -6.32 23.83 31.58
C10 ODN D . -6.28 23.74 30.07
C18 ODN D . -7.40 24.44 29.28
O4 ODN D . -8.61 23.89 29.63
O1 ODN D . -7.17 24.18 27.90
C8 ODN D . -5.94 24.69 27.40
C19 ODN D . -7.42 25.98 29.41
O5 ODN D . -8.04 26.42 30.59
C6 ODN D . -6.01 26.53 29.17
C3 ODN D . -5.94 27.97 28.56
C5 ODN D . -6.64 28.95 29.51
C4 ODN D . -6.60 28.17 27.18
C2 ODN D . -4.47 28.43 28.50
C1 ODN D . -3.42 27.34 28.57
C13 ODN D . -5.71 22.59 32.18
C14 ODN D . -4.76 22.84 33.33
C12 ODN D . -5.18 21.84 30.94
C11 ODN D . -6.23 22.20 29.89
O2 ODN D . -7.48 21.63 30.16
C15 ODN D . -3.78 22.28 30.49
C16 ODN D . -3.81 23.33 29.39
C9 ODN D . -4.90 24.38 29.64
C7 ODN D . -5.16 25.42 28.49
C ODN D . -3.83 26.01 27.95
O ODN D . -3.93 26.15 26.54
#